data_7DRT
#
_entry.id   7DRT
#
loop_
_entity.id
_entity.type
_entity.pdbx_description
1 polymer 'Protein Wnt-3a'
2 polymer 'Protein wntless homolog'
3 branched 2-acetamido-2-deoxy-beta-D-glucopyranose-(1-4)-2-acetamido-2-deoxy-beta-D-glucopyranose
4 non-polymer 'PALMITOLEIC ACID'
5 non-polymer 1,2-DIOLEOYL-SN-GLYCERO-3-PHOSPHOCHOLINE
6 non-polymer CHOLESTEROL
7 non-polymer 1-O-OCTADECYL-SN-GLYCERO-3-PHOSPHOCHOLINE
8 water water
#
loop_
_entity_poly.entity_id
_entity_poly.type
_entity_poly.pdbx_seq_one_letter_code
_entity_poly.pdbx_strand_id
1 'polypeptide(L)'
;MAPLGYFLLLCSLKQALGSYPIWWSLAVGPQYSSLGSQPILCASIPGLVPKQLRFCRNYVEIMPSVAEGIKIGIQECQHQ
FRGRRWNCTTVHDSLAIFGPVLDKATRESAFVHAIASAGVAFAVTRSCAEGTAAICGCSSRHQGSPGKGWKWGGCSEDIE
FGGMVSREFADARENRPDARSAMNRHNNEAGRQAIASHMHLKCKCHGLSGSCEVKTCWWSQPDFRAIGDFLKDKYDSASE
MVVEKHRESRGWVETLRPRYTYFKVPTERDLVYYEASPNFCEPNPETGSFGTRDRTCNVSSHGIDGCDLLCCGRGHNARA
ERRREKCRCVFHWCCYVSCQECTRVYDVHTCK
;
A
2 'polypeptide(L)'
;MAGAIIENMSTKKLCIVGGILLVFQIIAFLVGGLIAPGPTTAVSYMSVKCVDARKNHHKTKWFVPWGPNHCDKIRDIEEA
IPREIEANDIVFSVHIPLPHMEMSPWFQFMLFILQLDIAFKLNNQIRENAEVSMDVSLAYRDDAFAEWTEMAHERVPRKL
KCTFTSPKTPEHEGRYYECDVLPFMEIGSVAHKFYLLNIRLPVNEKKKINVGIGEIKDIRLVGIHQNGGFTKVWFAMKTF
LTPSIFIIMVWYWRRITMMSRPPVLLEKVIFALGISMTFINIPVEWFSIGFDWTWMLLFGDIRQGIFYAMLLSFWIIFCG
EHMMDQHERNHIAGYWKQVGPIAVGSFCLFIFDMCERGVQLTNPFYSIWTTDIGTELAMAFIIVAGICLCLYFLFLCFMV
FQVFRNISGKQSSLPAMSKVRRLHYEGLIFRFKFLMLITLACAAMTVIFFIVSQVTEGHWKWGGVTVQVNSAFFTGIYGM
WNLYVFALMFLYAPSHKNYGEDQSNGDLGVHSGEELQLTTTITHVDGPTEIYKLTRKEAQE
;
B
#
loop_
_chem_comp.id
_chem_comp.type
_chem_comp.name
_chem_comp.formula
CLR non-polymer CHOLESTEROL 'C27 H46 O'
LPE non-polymer 1-O-OCTADECYL-SN-GLYCERO-3-PHOSPHOCHOLINE 'C26 H57 N O6 P 1'
NAG D-saccharide, beta linking 2-acetamido-2-deoxy-beta-D-glucopyranose 'C8 H15 N O6'
PAM non-polymer 'PALMITOLEIC ACID' 'C16 H30 O2'
PCW non-polymer 1,2-DIOLEOYL-SN-GLYCERO-3-PHOSPHOCHOLINE 'C44 H85 N O8 P 1'
#
# COMPACT_ATOMS: atom_id res chain seq x y z
N SER A 19 24.72 -24.46 19.97
CA SER A 19 23.23 -24.34 19.83
C SER A 19 22.43 -25.64 19.89
N TYR A 20 21.52 -25.81 18.94
CA TYR A 20 20.70 -27.04 18.83
C TYR A 20 20.54 -27.27 17.33
N PRO A 21 20.26 -26.25 16.46
CA PRO A 21 20.24 -26.47 15.01
C PRO A 21 21.64 -26.23 14.41
N ILE A 22 22.08 -27.06 13.47
CA ILE A 22 23.46 -26.91 13.05
C ILE A 22 23.63 -25.96 11.86
N TRP A 23 22.72 -25.99 10.88
CA TRP A 23 22.91 -25.25 9.65
C TRP A 23 22.96 -23.74 9.88
N TRP A 24 22.62 -23.29 11.09
CA TRP A 24 22.83 -21.90 11.45
C TRP A 24 24.25 -21.43 11.20
N SER A 25 25.23 -22.32 11.18
CA SER A 25 26.62 -21.96 10.97
C SER A 25 26.87 -21.33 9.62
N LEU A 26 25.91 -21.40 8.70
CA LEU A 26 26.07 -20.75 7.40
C LEU A 26 26.19 -19.24 7.53
N ALA A 27 25.79 -18.66 8.65
CA ALA A 27 25.81 -17.22 8.83
C ALA A 27 27.17 -16.68 9.26
N VAL A 28 28.11 -17.56 9.60
CA VAL A 28 29.41 -17.15 10.13
C VAL A 28 30.50 -17.83 9.32
N GLY A 29 31.73 -17.35 9.45
CA GLY A 29 32.87 -17.96 8.81
C GLY A 29 32.68 -18.14 7.32
N PRO A 30 32.50 -19.39 6.89
CA PRO A 30 32.27 -19.68 5.46
C PRO A 30 31.23 -18.83 4.77
N GLN A 31 30.34 -18.17 5.51
CA GLN A 31 29.33 -17.33 4.87
C GLN A 31 30.03 -16.55 3.76
N TYR A 32 30.99 -15.72 4.10
CA TYR A 32 31.83 -15.00 3.14
C TYR A 32 30.93 -14.41 2.06
N SER A 33 29.93 -13.65 2.51
CA SER A 33 29.04 -12.87 1.64
C SER A 33 28.49 -13.73 0.52
N SER A 34 28.09 -14.96 0.83
CA SER A 34 27.54 -15.87 -0.19
C SER A 34 26.09 -15.43 -0.40
N LEU A 35 25.94 -14.34 -1.14
CA LEU A 35 24.66 -13.74 -1.43
C LEU A 35 24.38 -13.89 -2.93
N GLY A 36 24.48 -15.13 -3.42
CA GLY A 36 24.20 -15.48 -4.79
C GLY A 36 25.42 -15.62 -5.68
N SER A 37 26.58 -15.12 -5.26
CA SER A 37 27.78 -15.24 -6.08
C SER A 37 28.46 -16.60 -5.89
N GLN A 38 27.99 -17.37 -4.91
CA GLN A 38 28.58 -18.66 -4.57
C GLN A 38 27.48 -19.70 -4.57
N PRO A 39 27.19 -20.31 -5.72
CA PRO A 39 26.03 -21.21 -5.80
C PRO A 39 26.33 -22.58 -5.20
N ILE A 40 26.46 -22.60 -3.87
CA ILE A 40 26.73 -23.83 -3.14
C ILE A 40 25.39 -24.39 -2.65
N LEU A 41 24.87 -25.36 -3.38
CA LEU A 41 23.47 -25.76 -3.22
C LEU A 41 23.40 -27.18 -2.68
N CYS A 42 22.93 -27.29 -1.46
CA CYS A 42 22.70 -28.60 -0.79
C CYS A 42 24.00 -29.36 -0.66
N ALA A 43 25.10 -28.61 -0.74
CA ALA A 43 26.40 -29.27 -0.55
C ALA A 43 26.84 -29.10 0.91
N SER A 44 26.96 -27.86 1.39
CA SER A 44 27.50 -27.61 2.75
C SER A 44 26.43 -27.56 3.86
N ILE A 45 25.14 -27.48 3.55
CA ILE A 45 24.12 -27.30 4.63
C ILE A 45 24.32 -28.38 5.69
N PRO A 46 24.99 -28.16 6.87
CA PRO A 46 25.36 -29.25 7.81
C PRO A 46 24.26 -29.89 8.65
N GLY A 47 23.18 -29.17 9.01
CA GLY A 47 22.04 -29.86 9.67
C GLY A 47 20.83 -30.05 8.73
N LEU A 48 20.76 -31.12 7.89
CA LEU A 48 19.65 -31.23 6.88
C LEU A 48 18.85 -32.55 6.81
N VAL A 49 17.54 -32.50 7.06
CA VAL A 49 16.67 -33.71 6.87
C VAL A 49 16.11 -33.81 5.42
N PRO A 50 15.55 -34.96 4.96
CA PRO A 50 14.88 -35.09 3.65
C PRO A 50 13.96 -33.93 3.26
N LYS A 51 13.23 -33.34 4.22
CA LYS A 51 12.40 -32.19 3.88
C LYS A 51 13.24 -30.98 3.48
N GLN A 52 14.37 -30.79 4.17
CA GLN A 52 15.24 -29.66 3.83
C GLN A 52 15.98 -29.91 2.52
N LEU A 53 16.31 -31.16 2.23
CA LEU A 53 16.93 -31.47 0.94
C LEU A 53 15.99 -31.15 -0.21
N ARG A 54 14.71 -31.50 -0.10
CA ARG A 54 13.77 -31.18 -1.15
C ARG A 54 13.66 -29.67 -1.33
N PHE A 55 13.65 -28.91 -0.23
CA PHE A 55 13.51 -27.47 -0.36
C PHE A 55 14.72 -26.87 -1.07
N CYS A 56 15.92 -27.16 -0.57
CA CYS A 56 17.11 -26.47 -1.05
C CYS A 56 17.40 -26.84 -2.50
N ARG A 57 16.94 -28.02 -2.92
CA ARG A 57 17.06 -28.40 -4.32
C ARG A 57 16.03 -27.69 -5.21
N ASN A 58 14.82 -27.44 -4.71
CA ASN A 58 13.80 -26.83 -5.55
C ASN A 58 13.84 -25.30 -5.48
N TYR A 59 14.29 -24.74 -4.35
CA TYR A 59 14.29 -23.30 -4.14
C TYR A 59 15.74 -22.88 -3.98
N VAL A 60 16.48 -22.85 -5.09
CA VAL A 60 17.91 -22.56 -5.05
C VAL A 60 18.21 -21.06 -5.08
N GLU A 61 17.39 -20.28 -5.76
CA GLU A 61 17.66 -18.86 -5.93
C GLU A 61 17.48 -18.09 -4.63
N ILE A 62 16.74 -18.64 -3.69
CA ILE A 62 16.44 -17.99 -2.43
C ILE A 62 17.28 -18.56 -1.29
N MET A 63 18.07 -19.59 -1.55
CA MET A 63 18.84 -20.17 -0.45
C MET A 63 19.82 -19.18 0.18
N PRO A 64 20.52 -18.34 -0.58
CA PRO A 64 21.42 -17.36 0.06
C PRO A 64 20.72 -16.38 1.00
N SER A 65 19.41 -16.18 0.83
CA SER A 65 18.70 -15.23 1.68
C SER A 65 18.38 -15.85 3.04
N VAL A 66 18.35 -17.17 3.13
CA VAL A 66 18.12 -17.83 4.41
C VAL A 66 19.33 -17.72 5.31
N ALA A 67 20.52 -17.93 4.74
CA ALA A 67 21.74 -17.76 5.54
C ALA A 67 21.90 -16.32 6.00
N GLU A 68 21.55 -15.35 5.14
CA GLU A 68 21.62 -13.96 5.56
C GLU A 68 20.63 -13.67 6.69
N GLY A 69 19.41 -14.22 6.60
CA GLY A 69 18.43 -14.02 7.66
C GLY A 69 18.94 -14.47 9.02
N ILE A 70 19.69 -15.58 9.04
CA ILE A 70 20.27 -16.03 10.31
C ILE A 70 21.31 -15.02 10.79
N LYS A 71 22.14 -14.54 9.87
CA LYS A 71 23.14 -13.54 10.22
C LYS A 71 22.51 -12.32 10.86
N ILE A 72 21.36 -11.90 10.33
CA ILE A 72 20.66 -10.74 10.88
C ILE A 72 20.24 -11.02 12.31
N GLY A 73 19.67 -12.20 12.55
CA GLY A 73 19.28 -12.55 13.90
C GLY A 73 20.43 -12.57 14.87
N ILE A 74 21.61 -13.01 14.40
CA ILE A 74 22.78 -13.04 15.28
C ILE A 74 23.20 -11.63 15.68
N GLN A 75 23.26 -10.72 14.71
CA GLN A 75 23.66 -9.36 15.04
C GLN A 75 22.67 -8.72 16.00
N GLU A 76 21.38 -9.03 15.85
CA GLU A 76 20.39 -8.41 16.71
C GLU A 76 20.45 -8.95 18.13
N CYS A 77 20.69 -10.26 18.31
CA CYS A 77 20.70 -10.77 19.69
C CYS A 77 21.92 -10.23 20.40
N GLN A 78 23.02 -10.01 19.67
CA GLN A 78 24.21 -9.46 20.29
C GLN A 78 24.05 -7.98 20.63
N HIS A 79 23.25 -7.25 19.84
CA HIS A 79 22.87 -5.91 20.26
C HIS A 79 21.97 -5.95 21.49
N GLN A 80 20.90 -6.75 21.43
CA GLN A 80 19.90 -6.71 22.48
C GLN A 80 20.46 -7.15 23.83
N PHE A 81 21.40 -8.10 23.80
CA PHE A 81 21.95 -8.59 25.07
C PHE A 81 23.36 -8.10 25.37
N ARG A 82 23.78 -6.99 24.80
CA ARG A 82 25.15 -6.54 24.96
C ARG A 82 25.60 -6.37 26.41
N GLY A 83 24.67 -6.14 27.33
CA GLY A 83 25.07 -6.04 28.73
C GLY A 83 24.34 -6.97 29.68
N ARG A 84 24.02 -8.18 29.26
CA ARG A 84 23.22 -9.09 30.10
C ARG A 84 23.96 -10.35 30.52
N ARG A 85 25.29 -10.26 30.66
CA ARG A 85 26.16 -11.36 31.08
C ARG A 85 26.28 -12.39 29.97
N TRP A 86 25.16 -12.93 29.54
CA TRP A 86 25.12 -13.71 28.32
C TRP A 86 24.86 -12.76 27.16
N ASN A 87 26.00 -12.70 26.28
CA ASN A 87 25.97 -11.78 25.13
C ASN A 87 25.63 -12.44 23.78
N CYS A 88 25.19 -13.70 23.70
CA CYS A 88 24.97 -14.35 22.36
C CYS A 88 26.32 -14.73 21.68
N THR A 89 27.37 -15.06 22.44
CA THR A 89 28.70 -15.52 21.91
C THR A 89 28.62 -16.65 20.87
N THR A 90 29.36 -16.56 19.78
CA THR A 90 29.36 -17.59 18.70
C THR A 90 30.75 -18.22 18.47
N VAL A 91 31.00 -19.42 18.99
CA VAL A 91 32.31 -20.10 18.82
C VAL A 91 32.75 -20.48 17.41
N HIS A 92 34.05 -20.44 17.20
CA HIS A 92 34.76 -20.74 15.95
C HIS A 92 34.58 -22.16 15.42
N ASP A 93 34.10 -23.10 16.23
CA ASP A 93 33.92 -24.47 15.75
C ASP A 93 33.00 -24.54 14.54
N SER A 94 31.94 -23.74 14.51
CA SER A 94 30.99 -23.70 13.40
C SER A 94 30.21 -25.00 13.22
N LEU A 95 30.33 -25.90 14.19
CA LEU A 95 29.58 -27.14 14.20
C LEU A 95 28.47 -27.03 15.23
N ALA A 96 28.53 -25.92 15.97
CA ALA A 96 27.66 -25.55 17.07
C ALA A 96 27.77 -24.05 17.32
N ILE A 97 27.10 -23.25 16.49
CA ILE A 97 27.35 -21.82 16.30
C ILE A 97 27.34 -20.98 17.59
N PHE A 98 26.49 -21.29 18.56
CA PHE A 98 26.53 -20.56 19.82
C PHE A 98 27.19 -21.32 20.96
N GLY A 99 27.71 -22.53 20.70
CA GLY A 99 28.26 -23.34 21.75
C GLY A 99 27.21 -24.05 22.54
N PRO A 100 27.62 -24.76 23.58
CA PRO A 100 26.69 -25.64 24.31
C PRO A 100 25.64 -24.88 25.11
N VAL A 101 25.72 -23.55 25.16
CA VAL A 101 24.83 -22.78 26.02
C VAL A 101 23.38 -23.01 25.64
N LEU A 102 23.14 -23.37 24.39
CA LEU A 102 21.79 -23.61 23.90
C LEU A 102 21.39 -25.07 23.90
N ASP A 103 22.13 -25.94 24.58
CA ASP A 103 21.70 -27.32 24.64
C ASP A 103 20.57 -27.54 25.65
N LYS A 104 20.23 -26.55 26.46
CA LYS A 104 19.17 -26.65 27.45
C LYS A 104 17.99 -25.77 27.03
N ALA A 105 16.81 -26.18 27.48
CA ALA A 105 15.56 -25.50 27.16
C ALA A 105 15.32 -24.27 28.01
N THR A 106 16.23 -23.30 27.98
CA THR A 106 16.18 -22.11 28.80
C THR A 106 15.63 -20.88 28.09
N ARG A 107 15.47 -19.80 28.85
CA ARG A 107 14.97 -18.53 28.33
C ARG A 107 15.82 -17.98 27.19
N GLU A 108 17.15 -18.09 27.31
CA GLU A 108 18.04 -17.61 26.26
C GLU A 108 17.81 -18.32 24.93
N SER A 109 17.53 -19.63 24.98
CA SER A 109 17.25 -20.36 23.76
C SER A 109 15.95 -19.89 23.12
N ALA A 110 14.95 -19.57 23.94
CA ALA A 110 13.67 -19.15 23.40
C ALA A 110 13.84 -17.93 22.52
N PHE A 111 14.65 -16.98 22.98
CA PHE A 111 14.90 -15.77 22.20
C PHE A 111 15.64 -16.09 20.93
N VAL A 112 16.72 -16.88 21.02
CA VAL A 112 17.53 -17.15 19.84
C VAL A 112 16.68 -17.85 18.76
N HIS A 113 15.83 -18.80 19.17
CA HIS A 113 14.97 -19.44 18.17
C HIS A 113 14.01 -18.47 17.52
N ALA A 114 13.38 -17.60 18.32
CA ALA A 114 12.38 -16.69 17.77
C ALA A 114 13.02 -15.68 16.82
N ILE A 115 14.18 -15.14 17.20
CA ILE A 115 14.80 -14.10 16.38
C ILE A 115 15.37 -14.69 15.11
N ALA A 116 15.89 -15.92 15.17
CA ALA A 116 16.37 -16.57 13.95
C ALA A 116 15.23 -16.82 12.97
N SER A 117 14.09 -17.27 13.47
CA SER A 117 12.94 -17.51 12.60
C SER A 117 12.49 -16.21 11.95
N ALA A 118 12.41 -15.14 12.74
CA ALA A 118 12.02 -13.85 12.20
C ALA A 118 13.02 -13.38 11.16
N GLY A 119 14.31 -13.62 11.41
CA GLY A 119 15.34 -13.17 10.50
C GLY A 119 15.20 -13.78 9.11
N VAL A 120 14.84 -15.07 9.05
CA VAL A 120 14.72 -15.72 7.75
C VAL A 120 13.55 -15.14 6.97
N ALA A 121 12.40 -15.02 7.63
CA ALA A 121 11.22 -14.48 6.94
C ALA A 121 11.48 -13.06 6.47
N PHE A 122 12.18 -12.28 7.30
CA PHE A 122 12.46 -10.89 6.95
C PHE A 122 13.39 -10.80 5.74
N ALA A 123 14.50 -11.53 5.76
CA ALA A 123 15.46 -11.46 4.67
C ALA A 123 14.86 -11.96 3.37
N VAL A 124 14.06 -13.03 3.43
CA VAL A 124 13.50 -13.55 2.18
C VAL A 124 12.56 -12.53 1.57
N THR A 125 11.69 -11.94 2.38
CA THR A 125 10.75 -10.96 1.82
C THR A 125 11.49 -9.80 1.15
N ARG A 126 12.55 -9.29 1.79
CA ARG A 126 13.27 -8.17 1.21
C ARG A 126 13.96 -8.56 -0.09
N SER A 127 14.58 -9.74 -0.12
CA SER A 127 15.26 -10.18 -1.33
C SER A 127 14.30 -10.38 -2.49
N CYS A 128 13.10 -10.87 -2.24
CA CYS A 128 12.11 -10.95 -3.30
C CYS A 128 11.71 -9.58 -3.80
N ALA A 129 11.55 -8.63 -2.88
CA ALA A 129 11.25 -7.27 -3.29
C ALA A 129 12.35 -6.67 -4.16
N GLU A 130 13.60 -7.08 -3.97
CA GLU A 130 14.68 -6.60 -4.83
C GLU A 130 14.76 -7.30 -6.17
N GLY A 131 13.94 -8.33 -6.42
CA GLY A 131 14.03 -9.04 -7.66
C GLY A 131 15.20 -9.99 -7.78
N THR A 132 15.66 -10.56 -6.68
CA THR A 132 16.81 -11.46 -6.72
C THR A 132 16.42 -12.87 -7.09
N ALA A 133 15.13 -13.16 -7.17
CA ALA A 133 14.71 -14.50 -7.53
C ALA A 133 13.43 -14.47 -8.38
N ALA A 134 13.39 -15.31 -9.39
CA ALA A 134 12.23 -15.43 -10.26
C ALA A 134 11.26 -16.50 -9.81
N ILE A 135 11.60 -17.21 -8.73
CA ILE A 135 10.77 -18.29 -8.22
C ILE A 135 10.10 -17.85 -6.94
N CYS A 136 10.16 -16.56 -6.63
CA CYS A 136 9.62 -16.09 -5.37
C CYS A 136 8.17 -15.73 -5.61
N GLY A 137 7.28 -16.44 -4.93
CA GLY A 137 5.88 -16.11 -4.99
C GLY A 137 5.34 -16.27 -6.40
N CYS A 138 4.65 -15.26 -6.89
CA CYS A 138 3.97 -15.31 -8.18
C CYS A 138 4.96 -15.11 -9.31
N SER A 139 4.82 -15.90 -10.38
CA SER A 139 5.58 -15.69 -11.62
C SER A 139 4.81 -16.25 -12.81
N SER A 140 4.46 -15.37 -13.74
CA SER A 140 3.71 -15.68 -14.95
C SER A 140 3.85 -14.50 -15.88
N ARG A 141 3.98 -14.78 -17.17
CA ARG A 141 4.03 -13.77 -18.21
C ARG A 141 2.76 -13.76 -19.04
N HIS A 142 1.76 -14.54 -18.63
CA HIS A 142 0.53 -14.63 -19.41
C HIS A 142 -0.66 -15.11 -18.60
N GLN A 143 -1.90 -14.61 -18.80
CA GLN A 143 -3.13 -15.18 -18.14
C GLN A 143 -4.41 -14.44 -18.48
N GLY A 144 -4.87 -14.48 -19.72
CA GLY A 144 -6.16 -13.86 -20.05
C GLY A 144 -7.30 -14.66 -19.49
N SER A 145 -7.54 -15.87 -20.02
CA SER A 145 -8.58 -16.79 -19.47
C SER A 145 -8.58 -16.60 -17.95
N PRO A 146 -9.69 -16.22 -17.25
CA PRO A 146 -9.54 -15.87 -15.83
C PRO A 146 -8.84 -16.87 -14.93
N GLY A 147 -7.65 -16.50 -14.44
CA GLY A 147 -6.97 -17.39 -13.53
C GLY A 147 -6.14 -16.84 -12.38
N LYS A 148 -6.42 -15.62 -11.92
CA LYS A 148 -5.66 -14.98 -10.84
C LYS A 148 -4.17 -14.85 -11.22
N GLY A 149 -3.89 -14.56 -12.49
CA GLY A 149 -2.52 -14.35 -12.93
C GLY A 149 -2.09 -12.91 -13.00
N TRP A 150 -0.80 -12.68 -13.26
CA TRP A 150 -0.27 -11.34 -13.28
C TRP A 150 -1.06 -10.41 -14.20
N LYS A 151 -1.40 -10.86 -15.40
CA LYS A 151 -2.04 -9.98 -16.37
C LYS A 151 -3.56 -10.01 -16.28
N TRP A 152 -4.14 -10.65 -15.27
CA TRP A 152 -5.62 -10.59 -15.16
C TRP A 152 -6.05 -10.12 -13.78
N GLY A 153 -5.55 -10.76 -12.72
CA GLY A 153 -6.03 -10.45 -11.40
C GLY A 153 -5.01 -9.85 -10.47
N GLY A 154 -3.73 -9.97 -10.79
CA GLY A 154 -2.70 -9.42 -9.94
C GLY A 154 -2.10 -10.48 -9.04
N CYS A 155 -0.87 -10.25 -8.60
CA CYS A 155 -0.14 -11.21 -7.79
C CYS A 155 -0.08 -10.61 -6.39
N SER A 156 -0.98 -11.09 -5.52
CA SER A 156 -1.10 -10.58 -4.16
C SER A 156 -0.61 -11.57 -3.12
N GLU A 157 -0.02 -12.68 -3.54
CA GLU A 157 0.38 -13.74 -2.63
C GLU A 157 1.84 -13.64 -2.24
N ASP A 158 2.52 -12.59 -2.70
CA ASP A 158 3.96 -12.49 -2.55
C ASP A 158 4.37 -12.15 -1.14
N ILE A 159 3.41 -11.73 -0.30
CA ILE A 159 3.71 -11.30 1.06
C ILE A 159 3.83 -12.49 2.01
N GLU A 160 3.34 -13.67 1.61
CA GLU A 160 3.34 -14.83 2.48
C GLU A 160 4.55 -15.73 2.18
N PHE A 161 5.35 -15.35 1.18
CA PHE A 161 6.43 -16.24 0.78
C PHE A 161 7.48 -16.40 1.86
N GLY A 162 7.90 -15.30 2.48
CA GLY A 162 8.92 -15.35 3.52
C GLY A 162 8.49 -16.23 4.67
N GLY A 163 7.21 -16.18 5.01
CA GLY A 163 6.70 -17.09 6.02
C GLY A 163 6.76 -18.54 5.57
N MET A 164 6.51 -18.79 4.29
CA MET A 164 6.59 -20.16 3.80
C MET A 164 8.01 -20.70 3.95
N VAL A 165 9.00 -19.90 3.55
CA VAL A 165 10.38 -20.39 3.59
C VAL A 165 10.81 -20.67 5.01
N SER A 166 10.51 -19.75 5.94
CA SER A 166 10.89 -19.96 7.32
C SER A 166 10.22 -21.18 7.91
N ARG A 167 8.95 -21.45 7.65
CA ARG A 167 8.19 -22.59 8.23
C ARG A 167 8.53 -23.89 7.49
N GLU A 168 8.88 -23.77 6.21
CA GLU A 168 9.20 -24.97 5.46
C GLU A 168 10.61 -25.47 5.69
N PHE A 169 11.59 -24.57 5.78
CA PHE A 169 12.98 -25.00 5.87
C PHE A 169 13.43 -25.18 7.32
N ALA A 170 13.10 -24.22 8.17
CA ALA A 170 13.62 -24.20 9.53
C ALA A 170 12.93 -25.25 10.38
N ASP A 171 11.60 -25.31 10.30
CA ASP A 171 10.82 -26.20 11.14
C ASP A 171 10.69 -27.58 10.51
N ALA A 172 11.80 -28.20 10.14
CA ALA A 172 11.76 -29.52 9.52
C ALA A 172 12.20 -30.63 10.44
N ARG A 173 12.92 -30.30 11.51
CA ARG A 173 13.39 -31.32 12.44
C ARG A 173 12.65 -31.21 13.77
N GLU A 174 11.62 -30.37 13.81
CA GLU A 174 11.01 -29.97 15.07
C GLU A 174 9.73 -30.76 15.34
N ASN A 175 9.47 -31.77 14.53
CA ASN A 175 8.23 -32.51 14.71
C ASN A 175 8.41 -33.80 15.47
N ARG A 176 9.60 -34.10 15.99
CA ARG A 176 9.87 -35.31 16.75
C ARG A 176 9.15 -35.21 18.09
N PRO A 177 8.54 -36.28 18.58
CA PRO A 177 7.82 -36.19 19.84
C PRO A 177 8.76 -36.01 21.04
N ASP A 178 9.10 -34.75 21.34
CA ASP A 178 10.00 -34.42 22.45
C ASP A 178 9.53 -33.13 23.09
N ALA A 179 9.77 -33.01 24.40
CA ALA A 179 9.44 -31.80 25.13
C ALA A 179 10.11 -30.56 24.54
N ARG A 180 11.36 -30.73 24.09
CA ARG A 180 12.11 -29.63 23.48
C ARG A 180 11.56 -29.25 22.12
N SER A 181 11.03 -30.23 21.40
CA SER A 181 10.42 -29.99 20.09
C SER A 181 9.20 -29.11 20.20
N ALA A 182 8.39 -29.34 21.23
CA ALA A 182 7.23 -28.47 21.45
C ALA A 182 7.68 -27.03 21.72
N MET A 183 8.72 -26.88 22.55
CA MET A 183 9.23 -25.55 22.82
C MET A 183 9.66 -24.87 21.54
N ASN A 184 10.42 -25.59 20.71
CA ASN A 184 11.00 -25.00 19.52
C ASN A 184 9.92 -24.55 18.55
N ARG A 185 8.89 -25.38 18.37
CA ARG A 185 7.81 -25.05 17.43
C ARG A 185 7.09 -23.78 17.86
N HIS A 186 6.80 -23.67 19.15
CA HIS A 186 6.12 -22.50 19.67
C HIS A 186 6.96 -21.24 19.49
N ASN A 187 8.23 -21.31 19.89
CA ASN A 187 9.05 -20.10 19.84
C ASN A 187 9.35 -19.69 18.41
N ASN A 188 9.47 -20.64 17.49
CA ASN A 188 9.71 -20.26 16.11
C ASN A 188 8.50 -19.55 15.51
N GLU A 189 7.30 -19.97 15.89
CA GLU A 189 6.12 -19.25 15.42
C GLU A 189 6.05 -17.86 16.05
N ALA A 190 6.49 -17.74 17.30
CA ALA A 190 6.48 -16.42 17.95
C ALA A 190 7.27 -15.40 17.14
N GLY A 191 8.41 -15.83 16.60
CA GLY A 191 9.17 -14.96 15.71
C GLY A 191 8.38 -14.55 14.50
N ARG A 192 7.79 -15.52 13.79
CA ARG A 192 7.04 -15.15 12.60
C ARG A 192 5.83 -14.29 12.92
N GLN A 193 5.17 -14.54 14.05
CA GLN A 193 4.04 -13.70 14.42
C GLN A 193 4.49 -12.31 14.84
N ALA A 194 5.68 -12.18 15.41
CA ALA A 194 6.15 -10.85 15.81
C ALA A 194 6.21 -9.92 14.60
N ILE A 195 6.63 -10.45 13.46
CA ILE A 195 6.68 -9.64 12.24
C ILE A 195 5.27 -9.30 11.78
N ALA A 196 4.39 -10.29 11.70
CA ALA A 196 3.04 -10.02 11.21
C ALA A 196 2.33 -9.00 12.09
N SER A 197 2.53 -9.09 13.41
CA SER A 197 1.85 -8.19 14.33
C SER A 197 2.31 -6.75 14.22
N HIS A 198 3.48 -6.50 13.64
CA HIS A 198 4.03 -5.15 13.57
C HIS A 198 4.07 -4.54 12.18
N MET A 199 3.32 -5.09 11.23
CA MET A 199 3.26 -4.49 9.91
C MET A 199 2.32 -3.31 9.92
N HIS A 200 2.61 -2.33 9.06
CA HIS A 200 1.81 -1.11 9.02
C HIS A 200 0.95 -1.06 7.76
N LEU A 201 -0.25 -0.51 7.91
CA LEU A 201 -1.18 -0.35 6.80
C LEU A 201 -1.10 1.06 6.25
N LYS A 202 -0.73 1.21 4.99
CA LYS A 202 -0.72 2.55 4.37
C LYS A 202 -1.73 2.53 3.22
N CYS A 203 -2.33 3.66 2.89
CA CYS A 203 -3.32 3.77 1.84
C CYS A 203 -3.03 5.01 1.00
N LYS A 204 -3.18 4.86 -0.32
CA LYS A 204 -3.06 5.98 -1.25
C LYS A 204 -4.44 6.31 -1.80
N CYS A 205 -4.83 7.57 -1.65
CA CYS A 205 -6.13 8.08 -2.09
C CYS A 205 -5.98 8.66 -3.49
N HIS A 206 -6.73 8.13 -4.45
CA HIS A 206 -6.70 8.65 -5.81
C HIS A 206 -8.05 8.43 -6.47
N GLY A 207 -8.36 9.23 -7.49
CA GLY A 207 -9.67 9.18 -8.11
C GLY A 207 -10.00 10.38 -8.97
N LEU A 208 -11.29 10.59 -9.26
CA LEU A 208 -11.70 11.66 -10.18
C LEU A 208 -10.91 12.95 -10.08
N SER A 209 -10.66 13.42 -8.87
CA SER A 209 -9.92 14.67 -8.71
C SER A 209 -8.85 14.47 -7.65
N GLY A 210 -8.49 13.22 -7.37
CA GLY A 210 -7.69 12.91 -6.20
C GLY A 210 -8.53 12.56 -5.00
N SER A 211 -9.85 12.67 -5.08
CA SER A 211 -10.69 12.30 -3.97
C SER A 211 -10.74 10.78 -3.89
N CYS A 212 -11.02 10.31 -2.65
CA CYS A 212 -10.90 8.86 -2.33
C CYS A 212 -12.01 7.98 -2.87
N GLU A 213 -12.21 8.01 -4.19
CA GLU A 213 -13.17 7.07 -4.82
C GLU A 213 -12.45 5.72 -4.94
N VAL A 214 -11.17 5.71 -5.37
CA VAL A 214 -10.42 4.42 -5.33
C VAL A 214 -9.36 4.52 -4.23
N LYS A 215 -9.38 3.71 -3.24
CA LYS A 215 -8.24 3.79 -2.31
C LYS A 215 -7.50 2.49 -2.52
N THR A 216 -6.21 2.53 -2.56
CA THR A 216 -5.34 1.36 -2.72
C THR A 216 -4.49 1.25 -1.48
N CYS A 217 -4.56 0.12 -0.81
CA CYS A 217 -3.83 -0.02 0.44
C CYS A 217 -2.82 -1.14 0.32
N TRP A 218 -1.76 -1.04 1.10
CA TRP A 218 -0.73 -2.07 1.14
C TRP A 218 -0.18 -2.17 2.56
N TRP A 219 0.40 -3.32 2.88
CA TRP A 219 1.06 -3.53 4.15
C TRP A 219 2.56 -3.40 3.95
N SER A 220 3.23 -2.75 4.89
CA SER A 220 4.68 -2.59 4.81
C SER A 220 5.35 -3.33 5.95
N GLN A 221 6.59 -3.77 5.72
CA GLN A 221 7.37 -4.49 6.69
C GLN A 221 7.90 -3.54 7.75
N PRO A 222 7.98 -3.99 8.99
CA PRO A 222 8.60 -3.18 10.04
C PRO A 222 10.11 -3.21 9.92
N ASP A 223 10.76 -2.29 10.63
CA ASP A 223 12.19 -2.41 10.77
C ASP A 223 12.51 -3.54 11.73
N PHE A 224 13.67 -4.15 11.53
CA PHE A 224 14.01 -5.28 12.38
C PHE A 224 14.39 -4.88 13.81
N ARG A 225 14.78 -3.62 14.02
CA ARG A 225 15.10 -3.18 15.38
C ARG A 225 13.87 -3.23 16.26
N ALA A 226 12.71 -2.84 15.72
CA ALA A 226 11.47 -2.93 16.47
C ALA A 226 11.16 -4.38 16.84
N ILE A 227 11.42 -5.31 15.93
CA ILE A 227 11.17 -6.72 16.21
C ILE A 227 12.10 -7.21 17.31
N GLY A 228 13.36 -6.81 17.26
CA GLY A 228 14.27 -7.15 18.33
C GLY A 228 13.79 -6.69 19.68
N ASP A 229 13.39 -5.42 19.78
CA ASP A 229 12.92 -4.88 21.05
C ASP A 229 11.69 -5.62 21.55
N PHE A 230 10.77 -5.94 20.64
CA PHE A 230 9.55 -6.64 21.01
C PHE A 230 9.90 -7.98 21.68
N LEU A 231 10.76 -8.76 21.04
CA LEU A 231 11.07 -10.07 21.57
C LEU A 231 11.87 -9.97 22.85
N LYS A 232 12.60 -8.85 23.02
CA LYS A 232 13.40 -8.60 24.28
C LYS A 232 12.46 -8.40 25.46
N ASP A 233 11.36 -7.71 25.23
CA ASP A 233 10.33 -7.54 26.26
C ASP A 233 9.65 -8.87 26.58
N LYS A 234 9.43 -9.68 25.54
CA LYS A 234 8.83 -10.97 25.74
C LYS A 234 9.79 -11.94 26.43
N TYR A 235 11.08 -11.78 26.18
CA TYR A 235 12.09 -12.56 26.88
C TYR A 235 11.95 -12.41 28.37
N ASP A 236 11.89 -11.17 28.86
CA ASP A 236 11.84 -10.96 30.30
C ASP A 236 10.50 -11.42 30.87
N SER A 237 9.44 -11.40 30.05
CA SER A 237 8.13 -11.81 30.53
C SER A 237 7.78 -13.28 30.30
N ALA A 238 8.72 -14.08 29.79
CA ALA A 238 8.57 -15.50 29.46
C ALA A 238 8.17 -16.43 30.61
N SER A 239 7.25 -17.35 30.32
CA SER A 239 6.62 -18.23 31.28
C SER A 239 7.40 -19.53 31.47
N GLU A 240 7.23 -20.13 32.64
CA GLU A 240 7.74 -21.46 32.94
C GLU A 240 6.67 -22.50 32.64
N MET A 241 7.07 -23.55 31.93
CA MET A 241 6.21 -24.70 31.65
C MET A 241 6.81 -25.98 32.19
N VAL A 242 5.96 -26.95 32.48
CA VAL A 242 6.38 -28.27 32.92
C VAL A 242 6.03 -29.31 31.85
N VAL A 243 6.70 -30.46 31.92
CA VAL A 243 6.59 -31.47 30.87
C VAL A 243 5.58 -32.52 31.29
N GLU A 244 4.61 -32.79 30.42
CA GLU A 244 3.62 -33.84 30.64
C GLU A 244 3.65 -34.81 29.46
N LYS A 245 3.40 -36.08 29.75
CA LYS A 245 3.59 -37.13 28.78
C LYS A 245 2.39 -38.05 28.80
N HIS A 246 1.97 -38.47 27.60
CA HIS A 246 0.95 -39.49 27.43
C HIS A 246 0.92 -39.95 25.98
N ARG A 247 0.29 -41.10 25.77
CA ARG A 247 -0.10 -41.56 24.45
C ARG A 247 -1.27 -42.51 24.60
N GLU A 248 -2.01 -42.69 23.50
CA GLU A 248 -3.13 -43.61 23.42
C GLU A 248 -2.59 -45.03 23.38
N SER A 249 -1.74 -45.31 22.39
CA SER A 249 -1.01 -46.60 22.21
C SER A 249 0.11 -46.67 23.24
N ARG A 250 0.68 -47.89 23.38
CA ARG A 250 1.84 -48.09 24.28
C ARG A 250 2.91 -47.08 23.86
N GLY A 251 3.23 -46.14 24.74
CA GLY A 251 4.17 -45.07 24.43
C GLY A 251 3.90 -43.73 25.07
N TRP A 252 4.79 -42.76 24.79
CA TRP A 252 4.67 -41.42 25.37
C TRP A 252 4.95 -40.37 24.31
N VAL A 253 4.20 -39.27 24.37
CA VAL A 253 4.49 -38.03 23.65
C VAL A 253 4.58 -36.93 24.69
N GLU A 254 5.67 -36.16 24.64
CA GLU A 254 5.89 -35.10 25.61
C GLU A 254 5.35 -33.78 25.11
N THR A 255 4.50 -33.15 25.90
CA THR A 255 4.02 -31.81 25.61
C THR A 255 4.17 -30.95 26.85
N LEU A 256 3.96 -29.66 26.68
CA LEU A 256 4.18 -28.69 27.74
C LEU A 256 2.84 -28.25 28.32
N ARG A 257 2.80 -28.04 29.63
CA ARG A 257 1.60 -27.58 30.33
C ARG A 257 1.91 -26.24 30.98
N PRO A 258 1.37 -25.15 30.44
CA PRO A 258 1.65 -23.83 30.99
C PRO A 258 1.08 -23.65 32.38
N ARG A 259 1.75 -22.82 33.18
CA ARG A 259 1.25 -22.56 34.51
C ARG A 259 0.11 -21.54 34.48
N TYR A 260 -1.14 -22.01 34.25
CA TYR A 260 -2.35 -21.16 34.28
C TYR A 260 -3.01 -21.16 35.67
N THR A 261 -2.28 -21.46 36.73
CA THR A 261 -2.89 -21.30 38.04
C THR A 261 -2.86 -19.86 38.51
N TYR A 262 -1.84 -19.09 38.14
CA TYR A 262 -1.78 -17.68 38.49
C TYR A 262 -1.58 -16.78 37.30
N PHE A 263 -0.81 -17.23 36.32
CA PHE A 263 -0.30 -16.38 35.26
C PHE A 263 -1.20 -16.49 34.03
N LYS A 264 -0.97 -15.73 32.95
CA LYS A 264 -1.70 -15.81 31.70
C LYS A 264 -0.82 -16.01 30.47
N VAL A 265 -0.54 -17.27 30.11
CA VAL A 265 0.38 -17.58 28.98
C VAL A 265 -0.39 -17.54 27.66
N PRO A 266 0.03 -16.82 26.58
CA PRO A 266 -0.67 -16.84 25.35
C PRO A 266 0.00 -17.64 24.28
N THR A 267 -0.41 -17.36 23.04
CA THR A 267 0.14 -18.10 21.89
C THR A 267 0.37 -17.12 20.74
N GLU A 268 1.42 -17.37 19.94
CA GLU A 268 1.72 -16.52 18.76
C GLU A 268 2.03 -15.09 19.22
N ARG A 269 2.50 -14.97 20.43
CA ARG A 269 2.88 -13.63 20.88
C ARG A 269 4.00 -13.86 21.87
N ASP A 270 4.02 -15.06 22.48
CA ASP A 270 5.04 -15.07 23.52
C ASP A 270 6.05 -16.20 23.39
N LEU A 271 7.01 -16.19 24.31
CA LEU A 271 8.12 -17.12 24.36
C LEU A 271 7.94 -18.08 25.52
N VAL A 272 8.41 -19.31 25.38
CA VAL A 272 8.20 -20.31 26.41
C VAL A 272 9.51 -21.01 26.72
N TYR A 273 9.64 -21.60 27.91
CA TYR A 273 10.81 -22.38 28.28
C TYR A 273 10.44 -23.34 29.39
N TYR A 274 11.35 -24.26 29.72
CA TYR A 274 11.14 -25.08 30.90
C TYR A 274 12.39 -25.55 31.64
N GLU A 275 13.59 -25.06 31.31
CA GLU A 275 14.78 -25.36 32.11
C GLU A 275 15.41 -24.07 32.62
N ALA A 276 16.18 -24.22 33.70
CA ALA A 276 16.75 -23.07 34.41
C ALA A 276 17.97 -22.56 33.66
N SER A 277 18.15 -21.24 33.67
CA SER A 277 19.32 -20.65 33.04
C SER A 277 20.56 -20.85 33.93
N PRO A 278 21.73 -20.95 33.35
CA PRO A 278 22.96 -21.11 34.13
C PRO A 278 23.47 -19.82 34.73
N ASN A 279 24.49 -19.93 35.56
CA ASN A 279 25.22 -18.79 36.08
C ASN A 279 26.29 -18.40 35.07
N PHE A 280 26.30 -17.12 34.70
CA PHE A 280 27.21 -16.61 33.70
C PHE A 280 28.35 -15.80 34.28
N CYS A 281 28.54 -15.83 35.60
CA CYS A 281 29.60 -15.03 36.21
C CYS A 281 30.97 -15.64 35.94
N GLU A 282 31.11 -16.95 36.07
CA GLU A 282 32.43 -17.56 36.00
C GLU A 282 32.48 -18.58 34.87
N PRO A 283 33.65 -18.77 34.24
CA PRO A 283 33.78 -19.81 33.21
C PRO A 283 33.40 -21.19 33.72
N ASN A 284 32.65 -21.93 32.88
CA ASN A 284 32.26 -23.30 33.19
C ASN A 284 32.10 -24.06 31.89
N PRO A 285 33.03 -24.96 31.58
CA PRO A 285 32.95 -25.67 30.29
C PRO A 285 31.85 -26.70 30.19
N GLU A 286 31.34 -27.22 31.31
CA GLU A 286 30.30 -28.24 31.26
C GLU A 286 28.92 -27.66 30.99
N THR A 287 28.64 -26.43 31.40
CA THR A 287 27.34 -25.80 31.17
C THR A 287 27.35 -24.88 29.96
N GLY A 288 28.46 -24.74 29.27
CA GLY A 288 28.51 -23.87 28.12
C GLY A 288 28.48 -22.40 28.48
N SER A 289 28.96 -22.07 29.68
CA SER A 289 28.89 -20.71 30.21
C SER A 289 30.25 -20.05 30.12
N PHE A 290 30.29 -18.91 29.46
CA PHE A 290 31.49 -18.07 29.38
C PHE A 290 31.51 -17.01 30.47
N GLY A 291 32.68 -16.84 31.06
CA GLY A 291 32.85 -15.91 32.15
C GLY A 291 32.85 -14.45 31.71
N THR A 292 32.57 -13.60 32.68
CA THR A 292 32.54 -12.16 32.48
C THR A 292 33.74 -11.46 33.11
N ARG A 293 34.79 -12.22 33.41
CA ARG A 293 35.95 -11.68 34.11
C ARG A 293 36.53 -10.46 33.39
N ASP A 294 36.61 -10.49 32.06
CA ASP A 294 37.16 -9.38 31.30
C ASP A 294 36.06 -8.64 30.56
N ARG A 295 35.49 -7.68 31.28
CA ARG A 295 34.42 -6.88 30.67
C ARG A 295 34.58 -5.43 31.09
N THR A 296 33.85 -4.54 30.44
CA THR A 296 33.89 -3.12 30.69
C THR A 296 32.56 -2.63 31.24
N CYS A 297 32.58 -1.41 31.78
CA CYS A 297 31.41 -0.81 32.37
C CYS A 297 31.53 0.71 32.28
N ASN A 298 30.43 1.39 32.62
CA ASN A 298 30.34 2.84 32.63
C ASN A 298 30.73 3.45 31.28
N VAL A 299 30.28 2.83 30.19
CA VAL A 299 30.55 3.30 28.83
C VAL A 299 29.27 3.76 28.15
N SER A 300 28.13 3.61 28.84
CA SER A 300 26.83 3.99 28.24
C SER A 300 26.41 5.38 28.75
N SER A 301 25.84 5.45 29.95
CA SER A 301 25.35 6.71 30.49
C SER A 301 26.49 7.16 31.39
N HIS A 302 27.45 6.27 31.64
CA HIS A 302 28.54 6.51 32.57
C HIS A 302 28.02 6.60 34.01
N GLY A 303 26.80 6.12 34.22
CA GLY A 303 26.20 6.00 35.54
C GLY A 303 26.08 4.55 35.96
N ILE A 304 24.88 4.20 36.42
CA ILE A 304 24.54 2.88 36.93
C ILE A 304 23.77 2.13 35.85
N ASP A 305 24.25 0.95 35.50
CA ASP A 305 23.68 0.19 34.40
C ASP A 305 23.86 -1.30 34.69
N GLY A 306 23.39 -2.14 33.78
CA GLY A 306 23.56 -3.57 33.95
C GLY A 306 25.00 -3.99 34.08
N CYS A 307 25.93 -3.19 33.53
CA CYS A 307 27.35 -3.51 33.58
C CYS A 307 27.90 -3.51 34.99
N ASP A 308 27.14 -3.01 35.96
CA ASP A 308 27.63 -3.05 37.32
C ASP A 308 27.53 -4.46 37.89
N LEU A 309 26.61 -5.27 37.36
CA LEU A 309 26.51 -6.67 37.75
C LEU A 309 27.22 -7.57 36.77
N LEU A 310 27.41 -7.09 35.53
CA LEU A 310 28.06 -7.87 34.48
C LEU A 310 29.33 -8.52 34.97
N CYS A 311 30.20 -7.75 35.60
CA CYS A 311 31.49 -8.29 35.99
C CYS A 311 31.44 -9.21 37.20
N CYS A 312 30.32 -9.21 37.92
CA CYS A 312 30.17 -10.05 39.11
C CYS A 312 31.29 -9.82 40.13
N GLY A 313 32.06 -8.75 39.96
CA GLY A 313 33.17 -8.40 40.82
C GLY A 313 33.15 -6.97 41.25
N ARG A 314 34.30 -6.39 41.62
CA ARG A 314 34.45 -5.03 42.14
C ARG A 314 35.75 -4.41 41.64
N GLY A 315 35.89 -3.10 41.80
CA GLY A 315 37.12 -2.42 41.41
C GLY A 315 37.21 -2.16 39.92
N HIS A 316 36.15 -1.61 39.34
CA HIS A 316 36.09 -1.38 37.89
C HIS A 316 36.90 -0.14 37.55
N ASN A 317 38.22 -0.26 37.64
CA ASN A 317 39.10 0.86 37.31
C ASN A 317 40.48 0.36 36.89
N ALA A 318 40.72 0.22 35.58
CA ALA A 318 41.92 -0.44 35.12
C ALA A 318 42.55 0.12 33.85
N ARG A 319 41.80 0.80 32.99
CA ARG A 319 42.36 1.12 31.68
C ARG A 319 42.09 2.55 31.26
N ALA A 320 43.10 3.15 30.63
CA ALA A 320 42.98 4.44 29.97
C ALA A 320 43.31 4.19 28.51
N GLU A 321 42.68 4.95 27.62
CA GLU A 321 42.91 4.79 26.19
C GLU A 321 43.14 6.14 25.55
N ARG A 322 43.92 6.13 24.47
CA ARG A 322 44.09 7.30 23.62
C ARG A 322 43.68 6.96 22.18
N ARG A 323 42.38 7.00 21.89
CA ARG A 323 41.91 6.52 20.61
C ARG A 323 41.90 7.66 19.59
N ARG A 324 42.10 7.33 18.32
CA ARG A 324 41.98 8.27 17.22
C ARG A 324 40.63 8.07 16.53
N GLU A 325 39.98 9.17 16.18
CA GLU A 325 38.67 9.16 15.53
C GLU A 325 38.62 10.34 14.57
N LYS A 326 37.63 10.30 13.67
CA LYS A 326 37.43 11.45 12.75
C LYS A 326 36.51 12.45 13.45
N CYS A 327 36.82 13.75 13.34
CA CYS A 327 36.04 14.80 13.99
C CYS A 327 36.05 16.03 13.09
N ARG A 328 35.26 17.06 13.44
CA ARG A 328 35.14 18.27 12.64
C ARG A 328 34.70 17.95 11.21
N CYS A 329 33.54 17.31 11.09
CA CYS A 329 33.12 16.80 9.80
C CYS A 329 31.83 17.46 9.34
N VAL A 330 31.58 17.41 8.03
CA VAL A 330 30.31 17.84 7.45
C VAL A 330 29.24 16.78 7.62
N PHE A 331 29.62 15.51 7.57
CA PHE A 331 28.66 14.42 7.67
C PHE A 331 27.51 14.26 6.68
N HIS A 332 27.77 14.13 5.42
CA HIS A 332 26.82 13.85 4.35
C HIS A 332 25.85 12.70 4.56
N TRP A 333 24.80 12.67 3.74
CA TRP A 333 23.71 11.68 3.94
C TRP A 333 24.13 10.23 3.75
N CYS A 334 25.32 9.97 3.19
CA CYS A 334 25.60 8.58 2.88
C CYS A 334 26.86 8.00 3.52
N CYS A 335 28.03 8.45 3.07
CA CYS A 335 29.19 7.62 3.32
C CYS A 335 30.50 8.33 2.99
N TYR A 336 31.57 7.74 3.52
CA TYR A 336 32.95 8.24 3.46
C TYR A 336 33.10 9.75 3.48
N VAL A 337 32.62 10.33 4.58
CA VAL A 337 32.59 11.77 4.81
C VAL A 337 33.87 12.54 4.49
N SER A 338 35.03 11.89 4.58
CA SER A 338 36.31 12.49 4.23
C SER A 338 36.60 13.76 5.05
N CYS A 339 36.83 13.57 6.34
CA CYS A 339 37.12 14.69 7.21
C CYS A 339 38.44 14.53 7.96
N GLN A 340 38.69 15.44 8.91
CA GLN A 340 39.95 15.47 9.64
C GLN A 340 39.97 14.50 10.82
N GLU A 341 41.18 14.08 11.19
CA GLU A 341 41.41 13.20 12.33
C GLU A 341 41.84 13.97 13.58
N CYS A 342 41.51 13.41 14.74
CA CYS A 342 41.94 13.92 16.03
C CYS A 342 41.96 12.77 17.04
N THR A 343 42.54 13.04 18.19
CA THR A 343 42.66 12.05 19.26
C THR A 343 41.93 12.54 20.50
N ARG A 344 41.44 11.60 21.29
CA ARG A 344 40.76 11.91 22.54
C ARG A 344 41.23 10.94 23.62
N VAL A 345 41.23 11.42 24.87
CA VAL A 345 41.62 10.60 26.01
C VAL A 345 40.38 10.04 26.68
N TYR A 346 40.37 8.73 26.93
CA TYR A 346 39.24 8.06 27.55
C TYR A 346 39.64 7.36 28.84
N ASP A 347 38.72 7.39 29.80
CA ASP A 347 38.84 6.61 31.02
C ASP A 347 37.83 5.48 31.07
N VAL A 348 38.31 4.23 31.00
CA VAL A 348 37.45 3.08 30.85
C VAL A 348 37.46 2.29 32.16
N HIS A 349 36.28 2.13 32.74
CA HIS A 349 36.11 1.43 34.02
C HIS A 349 36.11 -0.07 33.76
N THR A 350 37.25 -0.56 33.28
CA THR A 350 37.41 -1.97 32.95
C THR A 350 37.56 -2.79 34.22
N CYS A 351 36.84 -3.90 34.31
CA CYS A 351 37.01 -4.76 35.47
C CYS A 351 37.99 -5.88 35.22
N LYS A 352 38.41 -6.52 36.31
CA LYS A 352 39.33 -7.65 36.29
C LYS A 352 38.58 -8.94 36.64
N GLY B 3 -49.02 15.89 -20.12
CA GLY B 3 -49.26 14.57 -19.56
C GLY B 3 -48.20 13.56 -19.90
N ALA B 4 -47.40 13.17 -18.90
CA ALA B 4 -46.31 12.22 -19.09
C ALA B 4 -46.81 10.79 -19.06
N ILE B 5 -46.03 9.86 -19.59
CA ILE B 5 -46.43 8.47 -19.58
C ILE B 5 -46.68 7.97 -18.16
N ILE B 6 -45.81 8.31 -17.21
CA ILE B 6 -45.98 7.89 -15.82
C ILE B 6 -47.33 8.25 -15.23
N GLU B 7 -48.01 9.24 -15.78
CA GLU B 7 -49.29 9.63 -15.26
C GLU B 7 -50.44 8.80 -15.82
N ASN B 8 -50.21 8.06 -16.90
CA ASN B 8 -51.23 7.22 -17.48
C ASN B 8 -51.01 5.72 -17.26
N MET B 9 -49.84 5.31 -16.79
CA MET B 9 -49.62 3.91 -16.45
C MET B 9 -50.39 3.57 -15.19
N SER B 10 -51.01 2.40 -15.17
CA SER B 10 -51.69 1.93 -13.96
C SER B 10 -50.66 1.46 -12.96
N THR B 11 -51.07 1.21 -11.71
CA THR B 11 -50.11 0.75 -10.73
C THR B 11 -49.53 -0.60 -11.13
N LYS B 12 -50.32 -1.40 -11.84
CA LYS B 12 -49.87 -2.69 -12.34
C LYS B 12 -48.72 -2.55 -13.31
N LYS B 13 -48.87 -1.67 -14.29
CA LYS B 13 -47.85 -1.54 -15.32
C LYS B 13 -46.54 -1.03 -14.74
N LEU B 14 -46.62 -0.13 -13.77
CA LEU B 14 -45.41 0.37 -13.15
C LEU B 14 -44.67 -0.76 -12.42
N CYS B 15 -45.41 -1.69 -11.83
CA CYS B 15 -44.77 -2.80 -11.13
C CYS B 15 -44.00 -3.67 -12.11
N ILE B 16 -44.55 -3.89 -13.30
CA ILE B 16 -43.86 -4.72 -14.29
C ILE B 16 -42.53 -4.07 -14.69
N VAL B 17 -42.57 -2.77 -14.95
CA VAL B 17 -41.34 -2.05 -15.32
C VAL B 17 -40.33 -2.10 -14.18
N GLY B 18 -40.79 -1.91 -12.95
CA GLY B 18 -39.90 -1.98 -11.82
C GLY B 18 -39.23 -3.34 -11.70
N GLY B 19 -39.98 -4.40 -11.93
CA GLY B 19 -39.43 -5.74 -11.87
C GLY B 19 -38.30 -5.92 -12.86
N ILE B 20 -38.55 -5.49 -14.10
CA ILE B 20 -37.50 -5.60 -15.12
C ILE B 20 -36.28 -4.79 -14.72
N LEU B 21 -36.48 -3.56 -14.23
CA LEU B 21 -35.32 -2.76 -13.83
C LEU B 21 -34.54 -3.39 -12.68
N LEU B 22 -35.22 -4.01 -11.73
CA LEU B 22 -34.50 -4.61 -10.62
C LEU B 22 -33.66 -5.78 -11.07
N VAL B 23 -34.18 -6.61 -11.97
CA VAL B 23 -33.42 -7.78 -12.40
C VAL B 23 -32.08 -7.34 -12.96
N PHE B 24 -32.09 -6.29 -13.78
CA PHE B 24 -30.83 -5.81 -14.31
C PHE B 24 -29.90 -5.28 -13.22
N GLN B 25 -30.46 -4.60 -12.21
CA GLN B 25 -29.60 -4.08 -11.16
C GLN B 25 -28.88 -5.19 -10.41
N ILE B 26 -29.58 -6.29 -10.16
CA ILE B 26 -28.97 -7.43 -9.49
C ILE B 26 -27.82 -7.99 -10.32
N ILE B 27 -28.03 -8.11 -11.63
CA ILE B 27 -26.96 -8.63 -12.49
C ILE B 27 -25.73 -7.72 -12.42
N ALA B 28 -25.94 -6.41 -12.44
CA ALA B 28 -24.80 -5.50 -12.42
C ALA B 28 -23.88 -5.78 -11.22
N PHE B 29 -24.48 -6.11 -10.08
CA PHE B 29 -23.68 -6.40 -8.89
C PHE B 29 -22.93 -7.72 -9.01
N LEU B 30 -23.59 -8.72 -9.60
CA LEU B 30 -23.08 -10.07 -9.70
C LEU B 30 -21.83 -10.09 -10.57
N VAL B 31 -21.84 -9.30 -11.63
CA VAL B 31 -20.73 -9.25 -12.57
C VAL B 31 -19.50 -8.68 -11.89
N GLY B 32 -19.67 -7.56 -11.18
CA GLY B 32 -18.55 -6.95 -10.51
C GLY B 32 -18.01 -7.84 -9.41
N GLY B 33 -18.89 -8.52 -8.69
CA GLY B 33 -18.44 -9.28 -7.53
C GLY B 33 -17.83 -10.61 -7.91
N LEU B 34 -18.46 -11.32 -8.83
CA LEU B 34 -18.11 -12.70 -9.11
C LEU B 34 -17.15 -12.87 -10.28
N ILE B 35 -17.09 -11.92 -11.21
CA ILE B 35 -16.21 -12.10 -12.37
C ILE B 35 -14.96 -11.24 -12.25
N ALA B 36 -15.14 -9.95 -11.97
CA ALA B 36 -14.01 -9.03 -11.92
C ALA B 36 -13.03 -9.40 -10.82
N PRO B 37 -11.74 -9.17 -11.04
CA PRO B 37 -10.73 -9.58 -10.06
C PRO B 37 -10.58 -8.62 -8.91
N GLY B 38 -11.15 -7.43 -9.03
CA GLY B 38 -10.91 -6.37 -8.09
C GLY B 38 -10.29 -5.17 -8.78
N PRO B 39 -10.50 -3.99 -8.24
CA PRO B 39 -10.01 -2.77 -8.89
C PRO B 39 -8.51 -2.75 -9.17
N THR B 40 -7.68 -2.72 -8.13
CA THR B 40 -6.28 -2.38 -8.30
C THR B 40 -5.39 -3.36 -7.55
N THR B 41 -4.10 -3.30 -7.89
CA THR B 41 -3.05 -4.02 -7.18
C THR B 41 -1.92 -3.04 -6.89
N ALA B 42 -1.32 -3.22 -5.72
CA ALA B 42 -0.11 -2.50 -5.32
C ALA B 42 1.01 -3.51 -5.17
N VAL B 43 2.16 -3.22 -5.76
CA VAL B 43 3.34 -4.06 -5.66
C VAL B 43 4.47 -3.26 -5.02
N SER B 44 5.10 -3.85 -4.01
CA SER B 44 6.21 -3.21 -3.31
C SER B 44 7.52 -3.58 -3.97
N TYR B 45 8.42 -2.59 -4.10
CA TYR B 45 9.75 -2.80 -4.64
C TYR B 45 10.80 -2.30 -3.66
N MET B 46 11.94 -2.97 -3.66
CA MET B 46 13.11 -2.48 -2.96
C MET B 46 14.22 -2.17 -3.94
N SER B 47 14.81 -0.99 -3.84
CA SER B 47 15.85 -0.56 -4.76
C SER B 47 17.16 -1.27 -4.48
N VAL B 48 18.00 -1.32 -5.51
CA VAL B 48 19.36 -1.84 -5.39
C VAL B 48 20.35 -0.69 -5.46
N LYS B 49 21.37 -0.73 -4.61
CA LYS B 49 22.36 0.35 -4.56
C LYS B 49 23.52 0.01 -5.48
N CYS B 50 23.55 0.62 -6.65
CA CYS B 50 24.60 0.38 -7.62
C CYS B 50 25.68 1.43 -7.48
N VAL B 51 26.93 1.01 -7.64
CA VAL B 51 28.08 1.89 -7.51
C VAL B 51 28.62 2.23 -8.89
N ASP B 52 28.70 3.52 -9.21
CA ASP B 52 29.33 3.97 -10.45
C ASP B 52 30.79 4.23 -10.14
N ALA B 53 31.67 3.54 -10.86
CA ALA B 53 33.11 3.67 -10.63
C ALA B 53 33.64 4.90 -11.38
N ARG B 54 33.03 6.05 -11.12
CA ARG B 54 33.39 7.31 -11.76
C ARG B 54 33.42 7.14 -13.28
N LYS B 55 32.31 6.64 -13.83
CA LYS B 55 32.18 6.36 -15.26
C LYS B 55 31.11 7.21 -15.95
N ASN B 56 30.03 7.56 -15.26
CA ASN B 56 28.88 8.18 -15.89
C ASN B 56 28.96 9.69 -15.90
N HIS B 57 29.37 10.23 -17.04
CA HIS B 57 29.46 11.67 -17.19
C HIS B 57 28.43 12.14 -18.21
N HIS B 58 28.67 11.88 -19.50
CA HIS B 58 27.69 12.18 -20.53
C HIS B 58 27.17 10.91 -21.19
N LYS B 59 27.90 9.81 -21.04
CA LYS B 59 27.54 8.53 -21.67
C LYS B 59 26.58 7.82 -20.73
N THR B 60 25.33 8.26 -20.74
CA THR B 60 24.36 7.72 -19.80
C THR B 60 24.41 6.21 -19.85
N LYS B 61 24.81 5.62 -18.74
CA LYS B 61 24.81 4.19 -18.56
C LYS B 61 23.67 3.88 -17.60
N TRP B 62 22.71 3.10 -18.08
CA TRP B 62 21.56 2.74 -17.29
C TRP B 62 21.86 1.56 -16.38
N PHE B 63 21.49 1.67 -15.11
CA PHE B 63 21.89 0.67 -14.14
C PHE B 63 20.72 -0.28 -13.91
N VAL B 64 20.97 -1.56 -14.15
CA VAL B 64 19.96 -2.62 -14.10
C VAL B 64 20.09 -3.37 -12.78
N PRO B 65 19.06 -3.43 -11.97
CA PRO B 65 19.20 -4.07 -10.65
C PRO B 65 19.65 -5.52 -10.68
N TRP B 66 19.12 -6.30 -11.60
CA TRP B 66 19.32 -7.75 -11.63
C TRP B 66 19.24 -8.28 -13.05
N GLY B 67 19.56 -9.56 -13.21
CA GLY B 67 19.61 -10.15 -14.52
C GLY B 67 20.99 -10.04 -15.14
N PRO B 68 21.11 -10.33 -16.43
CA PRO B 68 22.41 -10.20 -17.10
C PRO B 68 22.85 -8.73 -17.16
N ASN B 69 24.17 -8.52 -17.14
CA ASN B 69 24.75 -7.20 -17.20
C ASN B 69 24.26 -6.38 -16.00
N HIS B 70 24.20 -7.04 -14.86
CA HIS B 70 23.81 -6.38 -13.62
C HIS B 70 24.93 -5.49 -13.11
N CYS B 71 24.56 -4.54 -12.26
CA CYS B 71 25.52 -3.58 -11.74
C CYS B 71 26.34 -4.18 -10.61
N ASP B 72 27.44 -3.52 -10.28
CA ASP B 72 28.15 -3.77 -9.04
C ASP B 72 27.42 -3.09 -7.89
N LYS B 73 26.92 -3.86 -6.94
CA LYS B 73 26.00 -3.36 -5.94
C LYS B 73 26.58 -3.49 -4.54
N ILE B 74 26.17 -2.59 -3.65
CA ILE B 74 26.51 -2.66 -2.25
C ILE B 74 25.28 -3.22 -1.53
N ARG B 75 25.49 -4.26 -0.72
CA ARG B 75 24.38 -4.84 0.01
C ARG B 75 23.91 -3.99 1.19
N ASP B 76 24.82 -3.32 1.89
CA ASP B 76 24.47 -2.52 3.07
C ASP B 76 25.27 -1.24 2.99
N ILE B 77 24.62 -0.09 3.18
CA ILE B 77 25.25 1.22 2.95
C ILE B 77 26.51 1.39 3.78
N GLU B 78 26.58 0.72 4.93
CA GLU B 78 27.79 0.85 5.74
C GLU B 78 29.02 0.29 5.05
N GLU B 79 28.84 -0.64 4.10
CA GLU B 79 29.96 -1.23 3.40
C GLU B 79 30.62 -0.23 2.45
N ALA B 80 29.99 0.91 2.23
CA ALA B 80 30.57 1.97 1.41
C ALA B 80 31.82 2.56 2.03
N ILE B 81 31.89 2.64 3.35
CA ILE B 81 32.97 3.36 4.01
C ILE B 81 34.31 2.63 3.85
N PRO B 82 34.39 1.31 4.12
CA PRO B 82 35.69 0.64 3.93
C PRO B 82 36.14 0.65 2.48
N ARG B 83 35.21 0.85 1.55
CA ARG B 83 35.57 0.78 0.13
C ARG B 83 35.83 2.14 -0.50
N GLU B 84 35.81 3.18 0.34
CA GLU B 84 35.92 4.58 -0.08
C GLU B 84 34.92 5.04 -1.12
N ILE B 85 33.65 4.65 -0.99
CA ILE B 85 32.62 5.08 -1.92
C ILE B 85 31.92 6.29 -1.33
N GLU B 86 31.90 7.38 -2.10
CA GLU B 86 31.35 8.64 -1.63
C GLU B 86 29.91 8.81 -2.11
N ALA B 87 29.22 9.74 -1.47
CA ALA B 87 27.91 10.17 -1.91
C ALA B 87 28.05 10.66 -3.33
N ASN B 88 26.96 10.52 -4.11
CA ASN B 88 26.88 10.84 -5.53
C ASN B 88 27.41 9.74 -6.42
N ASP B 89 27.99 8.69 -5.87
CA ASP B 89 28.53 7.62 -6.69
C ASP B 89 27.60 6.43 -6.56
N ILE B 90 26.53 6.59 -5.78
CA ILE B 90 25.59 5.50 -5.57
C ILE B 90 24.25 5.89 -6.15
N VAL B 91 23.72 5.04 -7.03
CA VAL B 91 22.47 5.29 -7.72
C VAL B 91 21.49 4.17 -7.35
N PHE B 92 20.25 4.53 -7.09
CA PHE B 92 19.25 3.54 -6.71
C PHE B 92 18.47 3.09 -7.95
N SER B 93 18.57 1.81 -8.26
CA SER B 93 17.99 1.25 -9.48
C SER B 93 16.78 0.40 -9.12
N VAL B 94 15.69 0.58 -9.86
CA VAL B 94 14.48 -0.24 -9.75
C VAL B 94 14.03 -0.62 -11.16
N HIS B 95 13.73 -1.90 -11.36
CA HIS B 95 13.12 -2.39 -12.58
C HIS B 95 11.64 -2.59 -12.30
N ILE B 96 10.79 -1.84 -12.99
CA ILE B 96 9.39 -1.73 -12.57
C ILE B 96 8.66 -3.08 -12.66
N PRO B 97 8.62 -3.76 -13.79
CA PRO B 97 8.07 -5.12 -13.76
C PRO B 97 9.02 -6.04 -13.03
N LEU B 98 8.48 -6.95 -12.21
CA LEU B 98 9.24 -7.96 -11.49
C LEU B 98 9.78 -9.02 -12.44
N PRO B 99 10.77 -9.84 -12.03
CA PRO B 99 11.30 -10.89 -12.91
C PRO B 99 10.27 -11.80 -13.55
N HIS B 100 10.38 -11.98 -14.87
CA HIS B 100 9.51 -12.86 -15.65
C HIS B 100 8.05 -12.42 -15.55
N MET B 101 7.86 -11.11 -15.65
CA MET B 101 6.58 -10.45 -15.73
C MET B 101 6.68 -9.32 -16.75
N GLU B 102 5.57 -8.96 -17.37
CA GLU B 102 5.53 -7.88 -18.33
C GLU B 102 4.35 -6.96 -18.06
N MET B 103 4.48 -5.71 -18.48
CA MET B 103 3.34 -4.83 -18.51
C MET B 103 2.61 -5.01 -19.83
N SER B 104 1.31 -4.74 -19.83
CA SER B 104 0.48 -4.90 -21.01
C SER B 104 -0.35 -3.66 -21.17
N PRO B 105 -0.83 -3.37 -22.38
CA PRO B 105 -1.62 -2.16 -22.56
C PRO B 105 -2.89 -2.13 -21.74
N TRP B 106 -3.39 -3.27 -21.28
CA TRP B 106 -4.64 -3.29 -20.51
C TRP B 106 -4.50 -2.64 -19.14
N PHE B 107 -3.29 -2.36 -18.68
CA PHE B 107 -3.12 -1.58 -17.46
C PHE B 107 -3.26 -0.09 -17.83
N GLN B 108 -4.18 0.59 -17.17
CA GLN B 108 -4.57 1.92 -17.65
C GLN B 108 -3.71 3.06 -17.15
N PHE B 109 -3.02 2.89 -16.01
CA PHE B 109 -2.20 3.93 -15.42
C PHE B 109 -1.17 3.31 -14.49
N MET B 110 -0.15 4.10 -14.14
CA MET B 110 0.74 3.68 -13.06
C MET B 110 0.94 4.85 -12.09
N LEU B 111 0.74 4.59 -10.81
CA LEU B 111 1.06 5.54 -9.74
C LEU B 111 2.23 5.03 -8.92
N PHE B 112 3.18 5.93 -8.65
CA PHE B 112 4.40 5.59 -7.94
C PHE B 112 4.56 6.50 -6.74
N ILE B 113 4.84 5.89 -5.60
CA ILE B 113 5.08 6.61 -4.36
C ILE B 113 6.36 6.08 -3.73
N LEU B 114 7.08 6.94 -3.02
CA LEU B 114 8.28 6.51 -2.32
C LEU B 114 8.12 6.62 -0.81
N GLN B 115 8.82 5.72 -0.10
CA GLN B 115 8.84 5.64 1.38
C GLN B 115 10.29 5.54 1.85
N LEU B 116 10.92 6.59 2.40
CA LEU B 116 12.34 6.58 2.74
C LEU B 116 12.55 5.95 4.10
N ASP B 117 13.60 5.17 4.24
CA ASP B 117 14.02 4.59 5.51
C ASP B 117 15.23 5.36 6.02
N ILE B 118 14.99 6.20 7.02
CA ILE B 118 15.99 7.13 7.54
C ILE B 118 16.33 6.75 8.98
N ALA B 119 17.62 6.62 9.25
CA ALA B 119 18.10 6.23 10.56
C ALA B 119 18.33 7.47 11.41
N PHE B 120 18.16 7.29 12.71
CA PHE B 120 18.52 8.31 13.70
C PHE B 120 19.95 8.10 14.17
N LYS B 121 20.75 9.15 14.08
CA LYS B 121 22.08 9.18 14.66
C LYS B 121 22.25 10.56 15.29
N LEU B 122 23.00 10.68 16.37
CA LEU B 122 23.10 11.98 17.02
C LEU B 122 23.83 13.01 16.16
N ASN B 123 24.72 12.58 15.29
CA ASN B 123 25.43 13.52 14.44
C ASN B 123 24.77 13.74 13.10
N ASN B 124 23.67 13.07 12.80
CA ASN B 124 22.99 13.14 11.52
C ASN B 124 21.49 13.19 11.81
N GLN B 125 21.01 14.33 12.25
CA GLN B 125 19.60 14.49 12.57
C GLN B 125 18.94 15.32 11.47
N ILE B 126 17.64 15.17 11.33
CA ILE B 126 16.86 15.88 10.32
C ILE B 126 16.56 17.31 10.72
N ARG B 127 16.97 18.26 9.87
CA ARG B 127 16.78 19.66 10.19
C ARG B 127 15.35 20.05 9.93
N GLU B 128 14.96 21.18 10.52
CA GLU B 128 13.58 21.65 10.56
C GLU B 128 12.95 21.79 9.17
N ASN B 129 13.76 22.21 8.20
CA ASN B 129 13.28 22.42 6.84
C ASN B 129 14.11 21.54 5.90
N ALA B 130 14.08 20.25 6.18
CA ALA B 130 14.88 19.27 5.44
C ALA B 130 14.14 18.92 4.16
N GLU B 131 14.85 18.97 3.04
CA GLU B 131 14.30 18.63 1.73
C GLU B 131 15.24 17.71 0.97
N VAL B 132 14.67 16.78 0.22
CA VAL B 132 15.42 15.83 -0.60
C VAL B 132 15.25 16.19 -2.06
N SER B 133 16.37 16.34 -2.78
CA SER B 133 16.38 16.70 -4.18
C SER B 133 16.85 15.48 -4.98
N MET B 134 15.90 14.84 -5.65
CA MET B 134 16.18 13.63 -6.39
C MET B 134 16.50 13.96 -7.85
N ASP B 135 17.54 13.30 -8.38
CA ASP B 135 17.89 13.39 -9.80
C ASP B 135 17.41 12.10 -10.48
N VAL B 136 16.30 12.19 -11.20
CA VAL B 136 15.53 11.00 -11.55
C VAL B 136 15.49 10.83 -13.07
N SER B 137 15.81 9.63 -13.55
CA SER B 137 15.74 9.30 -14.96
C SER B 137 14.95 8.01 -15.14
N LEU B 138 14.09 7.97 -16.16
CA LEU B 138 13.25 6.81 -16.49
C LEU B 138 13.43 6.42 -17.95
N ALA B 139 13.54 5.11 -18.20
CA ALA B 139 13.68 4.57 -19.55
C ALA B 139 12.60 3.51 -19.79
N TYR B 140 12.32 3.27 -21.07
CA TYR B 140 11.43 2.17 -21.46
C TYR B 140 12.16 1.24 -22.43
N ARG B 141 11.67 0.01 -22.51
CA ARG B 141 12.19 -0.99 -23.44
C ARG B 141 11.03 -1.87 -23.88
N ASP B 142 11.02 -2.28 -25.15
CA ASP B 142 9.99 -3.17 -25.65
C ASP B 142 10.36 -4.64 -25.68
N ASP B 143 11.63 -4.99 -25.80
CA ASP B 143 12.04 -6.39 -25.89
C ASP B 143 13.39 -6.49 -25.17
N ALA B 144 13.72 -7.69 -24.72
CA ALA B 144 14.89 -7.95 -23.88
C ALA B 144 16.21 -7.56 -24.51
N PHE B 145 16.38 -7.79 -25.80
CA PHE B 145 17.64 -7.52 -26.47
C PHE B 145 17.68 -6.19 -27.18
N ALA B 146 17.42 -5.08 -26.47
CA ALA B 146 17.42 -3.75 -27.06
C ALA B 146 17.93 -2.78 -25.98
N GLU B 147 18.62 -1.72 -26.41
CA GLU B 147 19.14 -0.71 -25.50
C GLU B 147 17.99 0.07 -24.88
N TRP B 148 18.13 0.50 -23.63
CA TRP B 148 17.09 1.31 -23.00
C TRP B 148 16.97 2.68 -23.65
N THR B 149 15.73 3.11 -23.87
CA THR B 149 15.44 4.39 -24.46
C THR B 149 14.83 5.30 -23.40
N GLU B 150 15.35 6.51 -23.31
CA GLU B 150 14.95 7.46 -22.29
C GLU B 150 13.53 7.96 -22.47
N MET B 151 12.76 7.99 -21.39
CA MET B 151 11.44 8.63 -21.38
C MET B 151 11.39 9.97 -20.68
N ALA B 152 12.07 10.16 -19.53
CA ALA B 152 12.07 11.42 -18.79
C ALA B 152 13.31 11.58 -17.92
N HIS B 153 13.82 12.81 -17.79
CA HIS B 153 14.93 13.14 -16.90
C HIS B 153 14.62 14.46 -16.22
N GLU B 154 14.34 14.42 -14.91
CA GLU B 154 13.89 15.60 -14.19
C GLU B 154 14.52 15.64 -12.80
N ARG B 155 14.21 16.73 -12.08
CA ARG B 155 14.60 16.89 -10.70
C ARG B 155 13.38 17.01 -9.84
N VAL B 156 13.35 16.25 -8.74
CA VAL B 156 12.11 16.05 -8.00
C VAL B 156 12.34 16.41 -6.55
N PRO B 157 12.28 17.70 -6.18
CA PRO B 157 12.39 18.06 -4.76
C PRO B 157 11.13 17.67 -4.01
N ARG B 158 11.30 17.20 -2.78
CA ARG B 158 10.20 16.84 -1.88
C ARG B 158 10.59 17.21 -0.46
N LYS B 159 9.61 17.59 0.34
CA LYS B 159 9.83 17.92 1.75
C LYS B 159 9.74 16.65 2.59
N LEU B 160 10.50 16.61 3.70
CA LEU B 160 10.43 15.51 4.64
C LEU B 160 9.51 15.82 5.82
N LYS B 161 8.66 14.87 6.16
CA LYS B 161 7.78 14.94 7.32
C LYS B 161 8.07 13.71 8.16
N CYS B 162 8.87 13.86 9.22
CA CYS B 162 9.34 12.71 9.98
C CYS B 162 9.25 12.98 11.48
N THR B 163 8.91 11.95 12.23
CA THR B 163 8.89 12.04 13.69
C THR B 163 9.68 10.90 14.31
N PHE B 164 10.18 11.17 15.51
CA PHE B 164 10.97 10.21 16.28
C PHE B 164 10.30 10.04 17.63
N THR B 165 9.75 8.86 17.87
CA THR B 165 8.93 8.62 19.05
C THR B 165 9.71 8.17 20.28
N SER B 166 10.89 7.59 20.11
CA SER B 166 11.72 7.24 21.24
C SER B 166 12.45 8.48 21.73
N PRO B 167 12.91 8.49 22.98
CA PRO B 167 13.69 9.63 23.46
C PRO B 167 14.99 9.72 22.69
N LYS B 168 15.38 10.94 22.36
CA LYS B 168 16.61 11.19 21.59
C LYS B 168 17.78 11.28 22.54
N THR B 169 18.32 10.12 22.91
CA THR B 169 19.42 9.96 23.85
C THR B 169 20.41 8.97 23.24
N PRO B 170 21.64 8.91 23.76
CA PRO B 170 22.60 7.96 23.18
C PRO B 170 22.34 6.50 23.48
N GLU B 171 21.12 6.03 23.28
CA GLU B 171 20.83 4.62 23.50
C GLU B 171 20.01 4.03 22.36
N HIS B 172 19.31 4.88 21.62
CA HIS B 172 18.39 4.42 20.58
C HIS B 172 18.89 4.72 19.19
N GLU B 173 20.19 4.99 19.04
CA GLU B 173 20.77 5.23 17.73
C GLU B 173 20.65 4.00 16.87
N GLY B 174 20.30 4.20 15.60
CA GLY B 174 20.00 3.09 14.72
C GLY B 174 18.52 2.85 14.54
N ARG B 175 17.70 3.43 15.39
CA ARG B 175 16.26 3.34 15.21
C ARG B 175 15.84 4.21 14.05
N TYR B 176 14.79 3.80 13.35
CA TYR B 176 14.33 4.52 12.15
C TYR B 176 13.34 5.62 12.50
N TYR B 177 13.32 6.66 11.68
CA TYR B 177 12.33 7.73 11.77
C TYR B 177 11.00 7.18 11.26
N GLU B 178 9.90 7.72 11.79
CA GLU B 178 8.59 7.43 11.23
C GLU B 178 8.22 8.55 10.26
N CYS B 179 8.40 8.29 8.96
CA CYS B 179 8.21 9.26 7.90
C CYS B 179 6.98 8.92 7.08
N ASP B 180 6.34 9.96 6.55
CA ASP B 180 5.12 9.83 5.75
C ASP B 180 5.47 9.40 4.32
N VAL B 181 4.43 9.22 3.52
CA VAL B 181 4.61 8.81 2.14
C VAL B 181 4.79 10.01 1.24
N LEU B 182 5.77 9.93 0.36
CA LEU B 182 6.07 11.02 -0.55
C LEU B 182 5.55 10.68 -1.94
N PRO B 183 4.78 11.55 -2.58
CA PRO B 183 4.42 11.33 -3.98
C PRO B 183 5.63 11.42 -4.90
N PHE B 184 5.55 10.67 -6.00
CA PHE B 184 6.68 10.55 -6.91
C PHE B 184 6.35 10.73 -8.40
N MET B 185 5.55 9.82 -8.97
CA MET B 185 5.31 9.89 -10.40
C MET B 185 3.90 9.40 -10.75
N GLU B 186 3.34 9.98 -11.80
CA GLU B 186 2.07 9.57 -12.39
C GLU B 186 2.25 9.41 -13.89
N ILE B 187 1.99 8.22 -14.40
CA ILE B 187 2.01 8.01 -15.85
C ILE B 187 0.62 7.59 -16.29
N GLY B 188 0.06 8.32 -17.25
CA GLY B 188 -1.32 8.11 -17.64
C GLY B 188 -1.57 7.06 -18.69
N SER B 189 -0.54 6.30 -19.06
CA SER B 189 -0.68 5.26 -20.08
C SER B 189 0.36 4.16 -19.89
N VAL B 190 -0.02 2.91 -20.12
CA VAL B 190 0.97 1.85 -20.12
C VAL B 190 1.12 1.32 -21.54
N ALA B 191 2.23 1.64 -22.17
CA ALA B 191 2.39 1.25 -23.57
C ALA B 191 3.63 0.41 -23.83
N HIS B 192 4.49 0.19 -22.85
CA HIS B 192 5.73 -0.52 -23.06
C HIS B 192 5.85 -1.64 -22.05
N LYS B 193 6.57 -2.69 -22.43
CA LYS B 193 6.64 -3.87 -21.59
C LYS B 193 7.48 -3.62 -20.35
N PHE B 194 8.61 -2.90 -20.49
CA PHE B 194 9.56 -2.76 -19.39
C PHE B 194 9.89 -1.30 -19.12
N TYR B 195 10.10 -0.97 -17.84
CA TYR B 195 10.52 0.36 -17.41
C TYR B 195 11.67 0.25 -16.42
N LEU B 196 12.64 1.16 -16.51
CA LEU B 196 13.80 1.19 -15.63
C LEU B 196 13.96 2.55 -15.00
N LEU B 197 14.02 2.59 -13.68
CA LEU B 197 14.05 3.84 -12.92
C LEU B 197 15.38 3.96 -12.19
N ASN B 198 16.08 5.07 -12.39
CA ASN B 198 17.32 5.35 -11.68
C ASN B 198 17.19 6.65 -10.90
N ILE B 199 17.46 6.59 -9.60
CA ILE B 199 17.40 7.77 -8.74
C ILE B 199 18.77 8.03 -8.14
N ARG B 200 19.26 9.25 -8.29
CA ARG B 200 20.51 9.65 -7.66
C ARG B 200 20.21 10.76 -6.66
N LEU B 201 20.96 10.80 -5.55
CA LEU B 201 20.81 11.88 -4.57
C LEU B 201 22.11 12.65 -4.46
N PRO B 202 22.34 13.65 -5.28
CA PRO B 202 23.59 14.41 -5.18
C PRO B 202 23.67 15.25 -3.93
N VAL B 203 24.87 15.45 -3.39
CA VAL B 203 25.08 16.31 -2.22
C VAL B 203 25.99 17.47 -2.57
N ASN B 204 25.64 18.67 -2.11
CA ASN B 204 26.45 19.86 -2.37
C ASN B 204 26.52 20.68 -1.09
N GLU B 205 27.69 20.89 -0.56
CA GLU B 205 27.77 21.46 0.77
C GLU B 205 27.52 22.89 0.81
N LYS B 206 27.82 23.52 -0.20
CA LYS B 206 27.66 24.97 -0.10
C LYS B 206 26.25 25.43 -0.43
N LYS B 207 25.40 24.52 -0.89
CA LYS B 207 24.04 24.94 -1.26
C LYS B 207 22.99 24.24 -0.44
N LYS B 208 23.40 23.44 0.54
CA LYS B 208 22.52 22.64 1.38
C LYS B 208 21.58 21.76 0.58
N ILE B 209 22.11 21.11 -0.46
CA ILE B 209 21.35 20.21 -1.30
C ILE B 209 21.59 18.81 -0.75
N ASN B 210 20.54 18.18 -0.25
CA ASN B 210 20.59 16.89 0.43
C ASN B 210 21.58 16.85 1.58
N VAL B 211 21.63 17.88 2.42
CA VAL B 211 22.45 17.89 3.63
C VAL B 211 21.51 18.23 4.78
N GLY B 212 21.57 17.43 5.83
CA GLY B 212 20.76 17.66 6.99
C GLY B 212 19.44 16.99 6.72
N ILE B 213 19.52 15.90 5.97
CA ILE B 213 18.32 15.15 5.65
C ILE B 213 18.46 13.78 6.31
N GLY B 214 19.35 13.70 7.29
CA GLY B 214 19.58 12.44 7.99
C GLY B 214 20.44 11.44 7.26
N GLU B 215 20.51 10.21 7.79
CA GLU B 215 21.26 9.11 7.18
C GLU B 215 20.20 8.24 6.50
N ILE B 216 20.29 8.12 5.19
CA ILE B 216 19.32 7.36 4.39
C ILE B 216 19.91 6.02 4.03
N LYS B 217 19.22 4.94 4.40
CA LYS B 217 19.77 3.62 4.17
C LYS B 217 19.06 2.88 3.05
N ASP B 218 17.75 3.04 2.90
CA ASP B 218 17.05 2.33 1.85
C ASP B 218 15.92 3.18 1.29
N ILE B 219 15.53 2.92 0.05
CA ILE B 219 14.36 3.56 -0.56
C ILE B 219 13.41 2.48 -1.04
N ARG B 220 12.15 2.59 -0.63
CA ARG B 220 11.09 1.68 -1.07
C ARG B 220 10.19 2.40 -2.05
N LEU B 221 9.73 1.65 -3.06
CA LEU B 221 8.83 2.14 -4.08
C LEU B 221 7.59 1.26 -4.11
N VAL B 222 6.41 1.86 -4.28
CA VAL B 222 5.18 1.10 -4.45
C VAL B 222 4.53 1.50 -5.77
N GLY B 223 4.22 0.49 -6.59
CA GLY B 223 3.57 0.70 -7.86
C GLY B 223 2.13 0.23 -7.87
N ILE B 224 1.23 1.16 -8.18
CA ILE B 224 -0.20 0.92 -8.17
C ILE B 224 -0.70 0.97 -9.61
N HIS B 225 -1.43 -0.08 -10.00
CA HIS B 225 -2.02 -0.14 -11.33
C HIS B 225 -3.39 -0.79 -11.24
N GLN B 226 -4.21 -0.53 -12.25
CA GLN B 226 -5.54 -1.14 -12.33
C GLN B 226 -5.41 -2.53 -12.94
N ASN B 227 -6.17 -3.49 -12.40
CA ASN B 227 -6.05 -4.86 -12.85
C ASN B 227 -6.57 -5.02 -14.27
N GLY B 228 -5.89 -5.88 -15.04
CA GLY B 228 -6.29 -6.09 -16.41
C GLY B 228 -7.68 -6.67 -16.54
N GLY B 229 -7.99 -7.65 -15.69
CA GLY B 229 -9.31 -8.26 -15.73
C GLY B 229 -10.41 -7.28 -15.40
N PHE B 230 -10.13 -6.30 -14.54
CA PHE B 230 -11.12 -5.29 -14.22
C PHE B 230 -11.39 -4.38 -15.41
N THR B 231 -10.33 -3.98 -16.12
CA THR B 231 -10.51 -3.21 -17.33
C THR B 231 -11.32 -4.00 -18.37
N LYS B 232 -10.99 -5.28 -18.54
CA LYS B 232 -11.69 -6.06 -19.56
C LYS B 232 -13.17 -6.17 -19.27
N VAL B 233 -13.53 -6.44 -18.02
CA VAL B 233 -14.93 -6.53 -17.63
C VAL B 233 -15.61 -5.18 -17.75
N TRP B 234 -14.93 -4.11 -17.32
CA TRP B 234 -15.49 -2.77 -17.40
C TRP B 234 -15.83 -2.40 -18.83
N PHE B 235 -14.93 -2.70 -19.77
CA PHE B 235 -15.23 -2.40 -21.17
C PHE B 235 -16.39 -3.21 -21.67
N ALA B 236 -16.49 -4.49 -21.29
CA ALA B 236 -17.62 -5.29 -21.74
C ALA B 236 -18.94 -4.71 -21.27
N MET B 237 -18.96 -4.19 -20.05
CA MET B 237 -20.17 -3.59 -19.52
C MET B 237 -20.55 -2.35 -20.33
N LYS B 238 -19.58 -1.48 -20.61
CA LYS B 238 -19.89 -0.28 -21.39
C LYS B 238 -20.35 -0.63 -22.80
N THR B 239 -19.77 -1.67 -23.39
CA THR B 239 -20.21 -2.10 -24.71
C THR B 239 -21.66 -2.52 -24.69
N PHE B 240 -22.05 -3.27 -23.67
CA PHE B 240 -23.46 -3.63 -23.57
C PHE B 240 -24.33 -2.37 -23.48
N LEU B 241 -23.94 -1.42 -22.63
CA LEU B 241 -24.83 -0.29 -22.34
C LEU B 241 -25.01 0.64 -23.53
N THR B 242 -23.96 0.85 -24.33
CA THR B 242 -24.05 1.88 -25.37
C THR B 242 -25.20 1.64 -26.35
N PRO B 243 -25.33 0.45 -26.99
CA PRO B 243 -26.48 0.23 -27.86
C PRO B 243 -27.81 0.53 -27.19
N SER B 244 -27.95 0.18 -25.92
CA SER B 244 -29.23 0.38 -25.24
C SER B 244 -29.53 1.86 -25.09
N ILE B 245 -28.51 2.63 -24.67
CA ILE B 245 -28.69 4.07 -24.48
C ILE B 245 -28.98 4.76 -25.81
N PHE B 246 -28.38 4.28 -26.85
CA PHE B 246 -28.53 4.95 -28.15
C PHE B 246 -29.94 4.80 -28.65
N ILE B 247 -30.45 3.66 -28.49
CA ILE B 247 -31.78 3.40 -29.02
C ILE B 247 -32.82 4.23 -28.27
N ILE B 248 -32.73 4.26 -26.94
CA ILE B 248 -33.75 4.97 -26.18
C ILE B 248 -33.64 6.48 -26.41
N MET B 249 -32.42 6.97 -26.66
CA MET B 249 -32.24 8.38 -26.96
C MET B 249 -32.98 8.74 -28.24
N VAL B 250 -32.86 7.88 -29.25
CA VAL B 250 -33.55 8.16 -30.51
C VAL B 250 -35.06 8.07 -30.34
N TRP B 251 -35.54 7.05 -29.63
CA TRP B 251 -36.98 6.94 -29.38
C TRP B 251 -37.49 8.20 -28.69
N TYR B 252 -36.79 8.64 -27.65
CA TYR B 252 -37.17 9.84 -26.92
C TYR B 252 -37.22 11.05 -27.82
N TRP B 253 -36.17 11.27 -28.60
CA TRP B 253 -36.14 12.43 -29.47
C TRP B 253 -37.39 12.47 -30.35
N ARG B 254 -37.70 11.35 -31.02
CA ARG B 254 -38.81 11.38 -31.96
C ARG B 254 -40.12 11.68 -31.24
N ARG B 255 -40.26 11.23 -30.00
CA ARG B 255 -41.51 11.48 -29.28
C ARG B 255 -41.67 12.95 -28.97
N ILE B 256 -40.56 13.63 -28.68
CA ILE B 256 -40.58 15.04 -28.31
C ILE B 256 -40.91 15.92 -29.50
N THR B 257 -40.32 15.62 -30.66
CA THR B 257 -40.46 16.53 -31.78
C THR B 257 -41.73 16.32 -32.60
N MET B 258 -42.27 15.11 -32.62
CA MET B 258 -43.48 14.81 -33.39
C MET B 258 -44.69 15.04 -32.50
N MET B 259 -44.98 16.29 -32.22
CA MET B 259 -46.03 16.67 -31.29
C MET B 259 -46.80 17.85 -31.86
N SER B 260 -47.99 18.10 -31.34
CA SER B 260 -48.74 19.28 -31.75
C SER B 260 -48.30 20.55 -31.03
N ARG B 261 -47.40 20.47 -30.06
CA ARG B 261 -46.99 21.65 -29.32
C ARG B 261 -45.48 21.64 -29.19
N PRO B 262 -44.83 22.80 -29.20
CA PRO B 262 -43.39 22.86 -29.01
C PRO B 262 -43.01 22.27 -27.68
N PRO B 263 -41.78 21.81 -27.53
CA PRO B 263 -41.36 21.20 -26.25
C PRO B 263 -41.23 22.19 -25.10
N VAL B 264 -41.18 21.66 -23.89
CA VAL B 264 -41.07 22.48 -22.69
C VAL B 264 -39.68 22.31 -22.10
N LEU B 265 -39.37 23.10 -21.11
CA LEU B 265 -38.02 23.14 -20.55
C LEU B 265 -37.60 21.84 -19.90
N LEU B 266 -38.48 21.20 -19.14
CA LEU B 266 -38.09 19.98 -18.45
C LEU B 266 -37.70 18.89 -19.43
N GLU B 267 -38.41 18.82 -20.57
CA GLU B 267 -38.10 17.84 -21.60
C GLU B 267 -36.72 18.06 -22.19
N LYS B 268 -36.35 19.31 -22.39
CA LYS B 268 -35.03 19.63 -22.93
C LYS B 268 -33.94 19.22 -21.95
N VAL B 269 -34.17 19.43 -20.66
CA VAL B 269 -33.17 19.09 -19.66
C VAL B 269 -33.02 17.57 -19.53
N ILE B 270 -34.14 16.85 -19.56
CA ILE B 270 -34.03 15.38 -19.44
C ILE B 270 -33.21 14.83 -20.60
N PHE B 271 -33.47 15.32 -21.82
CA PHE B 271 -32.69 14.87 -22.97
C PHE B 271 -31.23 15.23 -22.83
N ALA B 272 -30.93 16.46 -22.40
CA ALA B 272 -29.53 16.84 -22.24
C ALA B 272 -28.83 15.95 -21.22
N LEU B 273 -29.54 15.55 -20.17
CA LEU B 273 -28.94 14.61 -19.23
C LEU B 273 -28.69 13.26 -19.89
N GLY B 274 -29.55 12.85 -20.81
CA GLY B 274 -29.30 11.60 -21.56
C GLY B 274 -27.97 11.69 -22.30
N ILE B 275 -27.71 12.82 -22.96
CA ILE B 275 -26.47 12.97 -23.79
C ILE B 275 -25.23 12.84 -22.89
N SER B 276 -25.28 13.43 -21.70
CA SER B 276 -24.10 13.38 -20.79
C SER B 276 -23.81 11.93 -20.41
N MET B 277 -24.85 11.16 -20.10
CA MET B 277 -24.64 9.72 -19.78
C MET B 277 -24.14 8.94 -20.99
N THR B 278 -24.66 9.27 -22.18
CA THR B 278 -24.17 8.59 -23.41
C THR B 278 -22.67 8.85 -23.51
N PHE B 279 -22.24 10.08 -23.23
CA PHE B 279 -20.80 10.45 -23.29
C PHE B 279 -19.98 9.54 -22.36
N ILE B 280 -20.49 9.20 -21.18
CA ILE B 280 -19.68 8.41 -20.20
C ILE B 280 -19.79 6.92 -20.47
N ASN B 281 -20.68 6.53 -21.35
CA ASN B 281 -20.87 5.12 -21.63
C ASN B 281 -20.20 4.68 -22.93
N ILE B 282 -19.55 5.59 -23.62
CA ILE B 282 -18.90 5.28 -24.89
C ILE B 282 -17.50 4.76 -24.58
N PRO B 283 -17.12 3.61 -25.10
CA PRO B 283 -15.80 3.06 -24.78
C PRO B 283 -14.67 3.79 -25.51
N VAL B 284 -14.46 5.06 -25.23
CA VAL B 284 -13.39 5.76 -25.92
C VAL B 284 -12.05 5.22 -25.48
N GLU B 285 -12.00 4.73 -24.26
CA GLU B 285 -10.81 4.10 -23.71
C GLU B 285 -10.41 2.85 -24.47
N TRP B 286 -11.15 2.32 -25.41
CA TRP B 286 -10.73 1.06 -26.04
C TRP B 286 -9.78 1.38 -27.15
N PHE B 287 -9.36 2.59 -27.22
CA PHE B 287 -8.22 2.93 -28.04
C PHE B 287 -6.94 3.02 -27.23
N SER B 288 -7.04 3.00 -25.90
CA SER B 288 -5.89 3.08 -25.02
C SER B 288 -5.05 1.82 -25.07
N ILE B 289 -5.58 0.73 -25.60
CA ILE B 289 -4.83 -0.50 -25.75
C ILE B 289 -4.09 -0.51 -27.08
N GLY B 290 -4.40 0.34 -27.99
CA GLY B 290 -3.66 0.45 -29.22
C GLY B 290 -2.81 1.67 -29.52
N PHE B 291 -3.16 2.82 -28.94
CA PHE B 291 -2.36 4.03 -29.05
C PHE B 291 -1.90 4.57 -27.71
N ASP B 292 -0.68 5.13 -27.68
CA ASP B 292 -0.11 5.67 -26.46
C ASP B 292 -0.58 7.11 -26.29
N TRP B 293 -1.75 7.29 -25.74
CA TRP B 293 -2.38 8.61 -25.61
C TRP B 293 -2.40 8.87 -24.15
N THR B 294 -1.54 9.76 -23.73
CA THR B 294 -1.35 9.99 -22.31
C THR B 294 -2.42 10.88 -21.71
N TRP B 295 -3.21 11.48 -22.54
CA TRP B 295 -4.24 12.39 -22.06
C TRP B 295 -5.54 11.71 -21.62
N MET B 296 -5.64 10.36 -21.50
CA MET B 296 -6.94 9.73 -21.22
C MET B 296 -7.38 9.87 -19.78
N LEU B 297 -6.50 10.21 -18.86
CA LEU B 297 -6.93 10.24 -17.43
C LEU B 297 -7.67 11.53 -17.17
N LEU B 298 -7.18 12.64 -17.69
CA LEU B 298 -7.91 13.92 -17.61
C LEU B 298 -9.23 13.82 -18.38
N PHE B 299 -9.29 13.17 -19.55
CA PHE B 299 -10.57 13.00 -20.30
C PHE B 299 -11.57 12.34 -19.40
N GLY B 300 -11.20 11.21 -18.84
CA GLY B 300 -12.09 10.49 -17.93
C GLY B 300 -12.67 11.38 -16.86
N ASP B 301 -11.83 12.16 -16.22
CA ASP B 301 -12.29 13.11 -15.19
C ASP B 301 -13.26 14.13 -15.75
N ILE B 302 -12.90 14.88 -16.78
CA ILE B 302 -13.82 15.83 -17.41
C ILE B 302 -15.18 15.19 -17.73
N ARG B 303 -15.21 14.05 -18.38
CA ARG B 303 -16.47 13.42 -18.76
C ARG B 303 -17.29 13.18 -17.50
N GLN B 304 -16.69 12.64 -16.47
CA GLN B 304 -17.40 12.27 -15.27
C GLN B 304 -17.90 13.53 -14.57
N GLY B 305 -17.06 14.57 -14.55
CA GLY B 305 -17.45 15.80 -13.89
C GLY B 305 -18.64 16.45 -14.56
N ILE B 306 -18.75 16.31 -15.88
CA ILE B 306 -19.88 16.94 -16.56
C ILE B 306 -21.17 16.30 -16.11
N PHE B 307 -21.18 14.97 -16.01
CA PHE B 307 -22.39 14.29 -15.58
C PHE B 307 -22.84 14.81 -14.23
N TYR B 308 -21.91 14.95 -13.28
CA TYR B 308 -22.31 15.42 -11.96
C TYR B 308 -23.03 16.74 -12.08
N ALA B 309 -22.50 17.64 -12.92
CA ALA B 309 -23.10 18.96 -13.00
C ALA B 309 -24.50 18.85 -13.58
N MET B 310 -24.67 17.94 -14.55
CA MET B 310 -25.96 17.83 -15.20
C MET B 310 -26.98 17.22 -14.26
N LEU B 311 -26.54 16.29 -13.42
CA LEU B 311 -27.45 15.64 -12.50
C LEU B 311 -27.92 16.60 -11.44
N LEU B 312 -27.00 17.43 -10.92
CA LEU B 312 -27.39 18.38 -9.89
C LEU B 312 -28.30 19.44 -10.47
N SER B 313 -28.02 19.88 -11.70
CA SER B 313 -28.86 20.88 -12.33
C SER B 313 -30.24 20.32 -12.58
N PHE B 314 -30.33 19.07 -13.05
CA PHE B 314 -31.64 18.49 -13.32
C PHE B 314 -32.53 18.60 -12.10
N TRP B 315 -31.98 18.24 -10.94
CA TRP B 315 -32.76 18.23 -9.71
C TRP B 315 -33.28 19.61 -9.40
N ILE B 316 -32.51 20.65 -9.72
CA ILE B 316 -33.01 22.00 -9.46
C ILE B 316 -34.15 22.32 -10.39
N ILE B 317 -33.97 22.05 -11.67
CA ILE B 317 -35.01 22.44 -12.61
C ILE B 317 -36.25 21.63 -12.31
N PHE B 318 -36.09 20.34 -12.02
CA PHE B 318 -37.26 19.51 -11.77
C PHE B 318 -38.10 20.10 -10.65
N CYS B 319 -37.46 20.47 -9.54
CA CYS B 319 -38.21 21.03 -8.43
C CYS B 319 -38.84 22.34 -8.84
N GLY B 320 -38.14 23.13 -9.64
CA GLY B 320 -38.67 24.42 -10.04
C GLY B 320 -39.81 24.28 -11.01
N GLU B 321 -39.89 23.13 -11.68
CA GLU B 321 -40.96 22.93 -12.65
C GLU B 321 -42.21 22.38 -12.01
N HIS B 322 -42.19 22.07 -10.72
CA HIS B 322 -43.35 21.47 -10.09
C HIS B 322 -43.95 22.27 -8.96
N MET B 323 -43.79 23.59 -8.94
CA MET B 323 -44.64 24.34 -8.05
C MET B 323 -45.99 24.53 -8.72
N MET B 324 -47.04 24.44 -7.94
CA MET B 324 -48.33 24.37 -8.59
C MET B 324 -48.87 25.74 -8.95
N ASP B 325 -49.03 26.55 -7.91
CA ASP B 325 -49.66 27.87 -8.14
C ASP B 325 -48.55 28.87 -8.41
N GLN B 326 -48.84 29.87 -9.25
CA GLN B 326 -47.86 30.98 -9.48
C GLN B 326 -46.74 30.56 -10.45
N HIS B 327 -46.54 29.26 -10.73
CA HIS B 327 -45.37 28.94 -11.63
C HIS B 327 -45.61 28.16 -12.93
N GLU B 328 -44.92 27.03 -13.23
CA GLU B 328 -44.83 26.37 -14.52
C GLU B 328 -44.13 27.28 -15.52
N ARG B 329 -42.97 27.78 -15.12
CA ARG B 329 -42.12 28.62 -15.93
C ARG B 329 -41.35 27.74 -16.92
N ASN B 330 -41.03 28.26 -18.11
CA ASN B 330 -40.26 27.43 -19.02
C ASN B 330 -39.06 28.06 -19.72
N HIS B 331 -38.15 28.74 -19.03
CA HIS B 331 -36.98 29.31 -19.71
C HIS B 331 -35.73 29.13 -18.85
N ILE B 332 -34.57 29.06 -19.52
CA ILE B 332 -33.32 28.78 -18.83
C ILE B 332 -32.81 30.02 -18.10
N ALA B 333 -32.90 31.19 -18.74
CA ALA B 333 -32.29 32.44 -18.19
C ALA B 333 -32.70 32.82 -16.76
N GLY B 334 -33.76 32.23 -16.21
CA GLY B 334 -34.25 32.55 -14.89
C GLY B 334 -34.07 31.61 -13.72
N TYR B 335 -33.10 30.71 -13.85
CA TYR B 335 -32.74 29.79 -12.78
C TYR B 335 -31.28 30.06 -12.41
N TRP B 336 -30.74 31.14 -12.93
CA TRP B 336 -29.33 31.39 -12.69
C TRP B 336 -29.05 31.61 -11.22
N LYS B 337 -30.09 31.92 -10.45
CA LYS B 337 -30.03 32.04 -9.01
C LYS B 337 -29.70 30.70 -8.34
N GLN B 338 -30.21 29.62 -8.91
CA GLN B 338 -30.00 28.31 -8.34
C GLN B 338 -28.91 27.52 -9.06
N VAL B 339 -28.63 27.81 -10.33
CA VAL B 339 -27.60 27.09 -11.08
C VAL B 339 -26.23 27.74 -10.94
N GLY B 340 -26.14 29.05 -10.77
CA GLY B 340 -24.86 29.71 -10.67
C GLY B 340 -23.88 28.97 -9.80
N PRO B 341 -24.29 28.63 -8.57
CA PRO B 341 -23.36 27.93 -7.68
C PRO B 341 -22.73 26.70 -8.32
N ILE B 342 -23.47 26.02 -9.20
CA ILE B 342 -22.92 24.84 -9.86
C ILE B 342 -21.86 25.23 -10.89
N ALA B 343 -22.13 26.25 -11.70
CA ALA B 343 -21.18 26.64 -12.72
C ALA B 343 -19.87 27.09 -12.09
N VAL B 344 -19.96 27.83 -10.98
CA VAL B 344 -18.75 28.32 -10.33
C VAL B 344 -17.99 27.17 -9.69
N GLY B 345 -18.69 26.30 -8.98
CA GLY B 345 -18.02 25.18 -8.33
C GLY B 345 -17.31 24.27 -9.31
N SER B 346 -18.01 23.88 -10.38
CA SER B 346 -17.41 23.00 -11.36
C SER B 346 -16.26 23.68 -12.09
N PHE B 347 -16.41 24.97 -12.37
CA PHE B 347 -15.33 25.69 -13.04
C PHE B 347 -14.07 25.70 -12.18
N CYS B 348 -14.23 25.99 -10.89
CA CYS B 348 -13.08 26.00 -9.99
C CYS B 348 -12.47 24.61 -9.83
N LEU B 349 -13.29 23.55 -9.73
CA LEU B 349 -12.67 22.23 -9.67
C LEU B 349 -11.97 21.88 -10.97
N PHE B 350 -12.52 22.33 -12.09
CA PHE B 350 -11.88 22.08 -13.37
C PHE B 350 -10.46 22.64 -13.37
N ILE B 351 -10.30 23.88 -12.93
CA ILE B 351 -8.96 24.48 -12.88
C ILE B 351 -8.05 23.69 -11.96
N PHE B 352 -8.55 23.30 -10.79
CA PHE B 352 -7.72 22.50 -9.87
C PHE B 352 -7.21 21.23 -10.54
N ASP B 353 -8.11 20.41 -11.09
CA ASP B 353 -7.66 19.19 -11.84
C ASP B 353 -6.79 19.56 -13.02
N MET B 354 -7.09 20.62 -13.74
CA MET B 354 -6.26 20.92 -14.89
C MET B 354 -4.84 21.26 -14.45
N CYS B 355 -4.70 21.92 -13.31
CA CYS B 355 -3.38 22.32 -12.85
C CYS B 355 -2.56 21.07 -12.56
N GLU B 356 -3.15 20.13 -11.81
CA GLU B 356 -2.41 18.92 -11.47
C GLU B 356 -2.23 18.00 -12.67
N ARG B 357 -3.32 17.73 -13.39
CA ARG B 357 -3.25 16.80 -14.50
C ARG B 357 -2.50 17.35 -15.71
N GLY B 358 -2.70 18.61 -16.07
CA GLY B 358 -2.08 19.07 -17.30
C GLY B 358 -0.58 19.11 -17.16
N VAL B 359 -0.09 19.50 -15.98
CA VAL B 359 1.36 19.54 -15.88
C VAL B 359 1.92 18.12 -15.83
N GLN B 360 1.21 17.17 -15.20
CA GLN B 360 1.66 15.80 -15.25
C GLN B 360 1.94 15.35 -16.68
N LEU B 361 1.14 15.82 -17.65
CA LEU B 361 1.32 15.38 -19.03
C LEU B 361 2.66 15.83 -19.58
N THR B 362 3.22 16.90 -19.06
CA THR B 362 4.51 17.37 -19.56
C THR B 362 5.66 17.07 -18.61
N ASN B 363 5.37 16.83 -17.35
CA ASN B 363 6.39 16.48 -16.35
C ASN B 363 5.80 15.42 -15.43
N PRO B 364 6.12 14.17 -15.66
CA PRO B 364 5.49 13.08 -14.88
C PRO B 364 5.80 13.14 -13.40
N PHE B 365 6.78 13.94 -13.02
CA PHE B 365 7.28 14.04 -11.66
C PHE B 365 6.79 15.34 -11.05
N TYR B 366 5.49 15.60 -11.14
CA TYR B 366 4.97 16.88 -10.70
C TYR B 366 3.99 16.65 -9.56
N SER B 367 3.94 17.62 -8.66
CA SER B 367 2.90 17.68 -7.64
C SER B 367 2.59 19.14 -7.38
N ILE B 368 1.30 19.47 -7.42
CA ILE B 368 0.86 20.82 -7.09
C ILE B 368 1.17 21.13 -5.63
N TRP B 369 1.17 20.11 -4.77
CA TRP B 369 1.50 20.24 -3.36
C TRP B 369 2.98 20.10 -3.11
N THR B 370 3.83 20.90 -3.75
CA THR B 370 5.24 20.81 -3.47
C THR B 370 5.73 22.03 -2.70
N THR B 371 5.10 23.17 -2.95
CA THR B 371 5.51 24.43 -2.36
C THR B 371 4.34 24.99 -1.55
N ASP B 372 4.64 25.94 -0.69
CA ASP B 372 3.61 26.54 0.14
C ASP B 372 2.59 27.30 -0.71
N ILE B 373 3.05 27.95 -1.78
CA ILE B 373 2.15 28.73 -2.62
C ILE B 373 1.20 27.80 -3.37
N GLY B 374 1.72 26.69 -3.86
CA GLY B 374 0.86 25.74 -4.53
C GLY B 374 -0.21 25.18 -3.62
N THR B 375 0.16 24.93 -2.35
CA THR B 375 -0.82 24.42 -1.39
C THR B 375 -1.91 25.45 -1.14
N GLU B 376 -1.53 26.72 -0.96
CA GLU B 376 -2.50 27.76 -0.71
C GLU B 376 -3.51 27.91 -1.85
N LEU B 377 -3.05 27.88 -3.09
CA LEU B 377 -3.96 28.01 -4.23
C LEU B 377 -4.80 26.77 -4.41
N ALA B 378 -4.21 25.60 -4.24
CA ALA B 378 -4.97 24.37 -4.39
C ALA B 378 -6.12 24.33 -3.38
N MET B 379 -5.85 24.73 -2.14
CA MET B 379 -6.91 24.73 -1.13
C MET B 379 -7.94 25.81 -1.40
N ALA B 380 -7.51 26.94 -1.95
CA ALA B 380 -8.48 28.00 -2.23
C ALA B 380 -9.54 27.52 -3.20
N PHE B 381 -9.14 26.76 -4.21
CA PHE B 381 -10.11 26.25 -5.18
C PHE B 381 -11.02 25.20 -4.54
N ILE B 382 -10.47 24.33 -3.71
CA ILE B 382 -11.30 23.33 -3.05
C ILE B 382 -12.30 24.00 -2.10
N ILE B 383 -11.85 25.02 -1.36
CA ILE B 383 -12.73 25.70 -0.41
C ILE B 383 -13.88 26.37 -1.13
N VAL B 384 -13.59 27.05 -2.23
CA VAL B 384 -14.65 27.73 -2.98
C VAL B 384 -15.65 26.71 -3.50
N ALA B 385 -15.16 25.59 -4.03
CA ALA B 385 -16.04 24.55 -4.53
C ALA B 385 -16.94 24.00 -3.42
N GLY B 386 -16.37 23.83 -2.24
CA GLY B 386 -17.14 23.38 -1.09
C GLY B 386 -18.20 24.36 -0.64
N ILE B 387 -17.89 25.66 -0.63
CA ILE B 387 -18.90 26.64 -0.27
C ILE B 387 -20.02 26.65 -1.31
N CYS B 388 -19.66 26.59 -2.59
CA CYS B 388 -20.70 26.59 -3.62
C CYS B 388 -21.59 25.37 -3.51
N LEU B 389 -21.01 24.21 -3.20
CA LEU B 389 -21.82 23.01 -3.04
C LEU B 389 -22.75 23.13 -1.84
N CYS B 390 -22.28 23.71 -0.74
CA CYS B 390 -23.19 23.93 0.38
C CYS B 390 -24.30 24.93 0.03
N LEU B 391 -24.00 25.99 -0.73
CA LEU B 391 -25.08 26.89 -1.14
C LEU B 391 -26.08 26.17 -2.01
N TYR B 392 -25.60 25.32 -2.92
CA TYR B 392 -26.50 24.51 -3.73
C TYR B 392 -27.46 23.72 -2.84
N PHE B 393 -26.95 23.06 -1.80
CA PHE B 393 -27.77 22.22 -0.89
C PHE B 393 -28.76 23.06 -0.13
N LEU B 394 -28.44 24.24 0.24
CA LEU B 394 -29.44 25.07 0.92
C LEU B 394 -30.48 25.60 -0.07
N PHE B 395 -30.10 26.03 -1.29
CA PHE B 395 -31.15 26.49 -2.23
C PHE B 395 -32.00 25.35 -2.73
N LEU B 396 -31.47 24.14 -2.86
CA LEU B 396 -32.35 23.03 -3.21
C LEU B 396 -33.35 22.75 -2.10
N CYS B 397 -32.88 22.76 -0.85
CA CYS B 397 -33.78 22.48 0.26
C CYS B 397 -34.89 23.52 0.37
N PHE B 398 -34.57 24.80 0.19
CA PHE B 398 -35.65 25.79 0.21
C PHE B 398 -36.62 25.57 -0.96
N MET B 399 -36.10 25.31 -2.16
CA MET B 399 -36.98 25.06 -3.30
C MET B 399 -37.97 23.94 -2.97
N VAL B 400 -37.45 22.85 -2.42
CA VAL B 400 -38.29 21.72 -2.06
C VAL B 400 -39.31 22.12 -1.01
N PHE B 401 -38.88 22.85 0.01
CA PHE B 401 -39.80 23.27 1.06
C PHE B 401 -40.98 24.00 0.43
N GLN B 402 -40.68 24.96 -0.46
CA GLN B 402 -41.73 25.78 -1.02
C GLN B 402 -42.66 24.98 -1.93
N VAL B 403 -42.11 24.00 -2.66
CA VAL B 403 -42.93 23.13 -3.50
C VAL B 403 -43.94 22.42 -2.62
N PHE B 404 -43.49 21.87 -1.49
CA PHE B 404 -44.36 21.06 -0.66
C PHE B 404 -45.45 21.89 -0.01
N ARG B 405 -45.11 23.09 0.44
CA ARG B 405 -46.19 23.88 1.01
C ARG B 405 -47.22 24.22 -0.06
N ASN B 406 -46.79 24.42 -1.30
CA ASN B 406 -47.74 24.69 -2.38
C ASN B 406 -48.64 23.48 -2.65
N ILE B 407 -48.07 22.28 -2.57
CA ILE B 407 -48.80 21.04 -2.76
C ILE B 407 -49.86 20.91 -1.67
N SER B 408 -49.49 21.21 -0.43
CA SER B 408 -50.49 21.16 0.63
C SER B 408 -51.68 22.07 0.34
N GLY B 409 -51.43 23.25 -0.22
CA GLY B 409 -52.51 24.11 -0.66
C GLY B 409 -53.30 23.56 -1.82
N LYS B 410 -52.62 23.11 -2.87
CA LYS B 410 -53.31 22.71 -4.08
C LYS B 410 -54.14 21.46 -3.84
N GLN B 411 -53.65 20.55 -2.99
CA GLN B 411 -54.31 19.32 -2.66
C GLN B 411 -55.44 19.53 -1.68
N SER B 412 -55.65 20.77 -1.26
CA SER B 412 -56.78 21.09 -0.43
C SER B 412 -57.95 21.65 -1.21
N SER B 413 -57.73 22.61 -2.10
CA SER B 413 -58.80 23.26 -2.85
C SER B 413 -59.02 22.54 -4.17
N LEU B 414 -59.39 21.28 -4.07
CA LEU B 414 -59.68 20.42 -5.20
C LEU B 414 -61.15 20.40 -5.63
N PRO B 415 -62.13 20.47 -4.70
CA PRO B 415 -63.54 20.37 -5.11
C PRO B 415 -64.04 21.43 -6.09
N ALA B 416 -63.35 22.55 -6.22
CA ALA B 416 -63.89 23.59 -7.08
C ALA B 416 -63.20 23.76 -8.44
N MET B 417 -62.56 22.72 -8.99
CA MET B 417 -62.03 22.87 -10.34
C MET B 417 -62.84 21.86 -11.13
N SER B 418 -62.40 21.52 -12.36
CA SER B 418 -63.16 20.59 -13.24
C SER B 418 -62.35 19.32 -13.53
N LYS B 419 -62.89 18.36 -14.32
CA LYS B 419 -62.18 17.10 -14.53
C LYS B 419 -60.80 17.34 -15.14
N VAL B 420 -60.75 18.27 -16.11
CA VAL B 420 -59.54 18.58 -16.88
C VAL B 420 -58.44 19.20 -16.04
N ARG B 421 -58.75 20.17 -15.21
CA ARG B 421 -57.77 20.76 -14.32
C ARG B 421 -57.45 19.90 -13.11
N ARG B 422 -58.42 19.10 -12.62
CA ARG B 422 -58.17 18.29 -11.44
C ARG B 422 -57.21 17.17 -11.75
N LEU B 423 -57.42 16.49 -12.89
CA LEU B 423 -56.53 15.40 -13.27
C LEU B 423 -55.14 15.91 -13.56
N HIS B 424 -55.06 17.10 -14.15
CA HIS B 424 -53.78 17.74 -14.45
C HIS B 424 -52.93 17.89 -13.20
N TYR B 425 -53.51 18.48 -12.14
CA TYR B 425 -52.72 18.76 -10.95
C TYR B 425 -52.50 17.50 -10.12
N GLU B 426 -53.48 16.59 -10.08
CA GLU B 426 -53.26 15.36 -9.34
C GLU B 426 -52.09 14.58 -9.93
N GLY B 427 -51.98 14.59 -11.26
CA GLY B 427 -50.82 14.01 -11.91
C GLY B 427 -49.52 14.65 -11.53
N LEU B 428 -49.48 15.98 -11.50
CA LEU B 428 -48.23 16.65 -11.19
C LEU B 428 -47.77 16.30 -9.77
N ILE B 429 -48.75 16.21 -8.85
CA ILE B 429 -48.45 15.92 -7.45
C ILE B 429 -47.82 14.54 -7.33
N PHE B 430 -48.44 13.56 -7.99
CA PHE B 430 -47.86 12.22 -8.00
C PHE B 430 -46.49 12.20 -8.68
N ARG B 431 -46.39 12.81 -9.87
CA ARG B 431 -45.14 12.74 -10.61
C ARG B 431 -43.99 13.25 -9.78
N PHE B 432 -44.25 14.34 -9.06
CA PHE B 432 -43.22 14.89 -8.19
C PHE B 432 -42.85 13.93 -7.08
N LYS B 433 -43.85 13.45 -6.33
CA LYS B 433 -43.54 12.63 -5.17
C LYS B 433 -42.79 11.37 -5.58
N PHE B 434 -43.15 10.79 -6.72
CA PHE B 434 -42.51 9.56 -7.16
C PHE B 434 -41.02 9.78 -7.34
N LEU B 435 -40.64 10.80 -8.11
CA LEU B 435 -39.23 10.92 -8.43
C LEU B 435 -38.44 11.24 -7.19
N MET B 436 -39.03 12.01 -6.27
CA MET B 436 -38.32 12.35 -5.05
C MET B 436 -37.97 11.11 -4.24
N LEU B 437 -38.90 10.17 -4.13
CA LEU B 437 -38.62 8.97 -3.35
C LEU B 437 -37.55 8.13 -4.03
N ILE B 438 -37.62 8.04 -5.36
CA ILE B 438 -36.61 7.24 -6.05
C ILE B 438 -35.23 7.89 -5.96
N THR B 439 -35.17 9.21 -6.12
CA THR B 439 -33.88 9.89 -6.08
C THR B 439 -33.22 9.72 -4.71
N LEU B 440 -34.00 9.86 -3.65
CA LEU B 440 -33.46 9.70 -2.31
C LEU B 440 -32.98 8.28 -2.08
N ALA B 441 -33.72 7.29 -2.56
CA ALA B 441 -33.29 5.90 -2.42
C ALA B 441 -31.99 5.65 -3.17
N CYS B 442 -31.87 6.22 -4.38
CA CYS B 442 -30.64 6.02 -5.14
C CYS B 442 -29.45 6.67 -4.46
N ALA B 443 -29.64 7.89 -3.93
CA ALA B 443 -28.55 8.59 -3.25
C ALA B 443 -28.16 7.85 -1.97
N ALA B 444 -29.16 7.36 -1.24
CA ALA B 444 -28.91 6.68 0.03
C ALA B 444 -28.08 5.42 -0.19
N MET B 445 -28.44 4.66 -1.22
CA MET B 445 -27.72 3.43 -1.51
C MET B 445 -26.29 3.71 -1.94
N THR B 446 -26.09 4.76 -2.76
CA THR B 446 -24.75 5.10 -3.20
C THR B 446 -23.86 5.50 -2.03
N VAL B 447 -24.37 6.35 -1.13
CA VAL B 447 -23.55 6.82 -0.02
C VAL B 447 -23.24 5.68 0.94
N ILE B 448 -24.25 4.86 1.27
CA ILE B 448 -24.05 3.77 2.21
C ILE B 448 -23.05 2.77 1.66
N PHE B 449 -23.01 2.57 0.36
CA PHE B 449 -22.09 1.52 -0.17
C PHE B 449 -20.71 2.10 -0.35
N PHE B 450 -20.59 3.41 -0.46
CA PHE B 450 -19.26 4.05 -0.49
C PHE B 450 -18.64 3.85 0.88
N ILE B 451 -19.41 4.04 1.95
CA ILE B 451 -18.93 3.83 3.34
C ILE B 451 -18.60 2.35 3.56
N VAL B 452 -19.33 1.41 2.99
CA VAL B 452 -18.98 -0.04 3.09
C VAL B 452 -17.88 -0.44 2.11
N SER B 453 -17.51 0.38 1.12
CA SER B 453 -16.26 0.16 0.38
C SER B 453 -15.05 0.82 1.05
N GLN B 454 -15.19 1.92 1.79
CA GLN B 454 -14.02 2.67 2.33
C GLN B 454 -13.58 2.12 3.68
N VAL B 455 -14.45 1.37 4.33
CA VAL B 455 -14.12 0.72 5.63
C VAL B 455 -13.95 -0.81 5.70
N THR B 456 -14.37 -1.61 4.72
CA THR B 456 -14.35 -3.09 4.91
C THR B 456 -13.10 -3.67 4.29
N GLU B 457 -12.95 -4.97 4.27
CA GLU B 457 -11.66 -5.58 3.84
C GLU B 457 -11.42 -5.54 2.34
N GLY B 458 -12.45 -5.70 1.51
CA GLY B 458 -12.30 -5.58 0.06
C GLY B 458 -12.81 -6.81 -0.64
N HIS B 459 -12.94 -7.88 0.09
CA HIS B 459 -13.36 -9.15 -0.45
C HIS B 459 -13.83 -10.03 0.70
N TRP B 460 -14.61 -11.05 0.36
CA TRP B 460 -15.18 -11.94 1.34
C TRP B 460 -15.14 -13.37 0.80
N LYS B 461 -14.51 -14.29 1.51
CA LYS B 461 -14.41 -15.68 1.06
C LYS B 461 -15.49 -16.52 1.72
N TRP B 462 -16.48 -16.95 0.95
CA TRP B 462 -17.61 -17.66 1.56
C TRP B 462 -17.82 -18.95 0.77
N GLY B 463 -17.39 -20.06 1.36
CA GLY B 463 -17.35 -21.32 0.66
C GLY B 463 -16.32 -21.35 -0.45
N GLY B 464 -16.74 -21.75 -1.65
CA GLY B 464 -15.82 -21.91 -2.75
C GLY B 464 -15.78 -20.66 -3.61
N VAL B 465 -16.53 -19.64 -3.21
CA VAL B 465 -16.64 -18.43 -4.02
C VAL B 465 -16.08 -17.26 -3.25
N THR B 466 -15.21 -16.50 -3.89
CA THR B 466 -14.67 -15.26 -3.34
C THR B 466 -15.36 -14.09 -4.01
N VAL B 467 -16.00 -13.26 -3.22
CA VAL B 467 -16.75 -12.11 -3.72
C VAL B 467 -15.95 -10.83 -3.60
N GLN B 468 -15.80 -10.10 -4.70
CA GLN B 468 -15.10 -8.83 -4.63
C GLN B 468 -16.08 -7.73 -4.30
N VAL B 469 -15.88 -7.09 -3.13
CA VAL B 469 -16.81 -6.07 -2.70
C VAL B 469 -16.51 -4.71 -3.30
N ASN B 470 -15.24 -4.33 -3.40
CA ASN B 470 -14.90 -3.04 -3.98
C ASN B 470 -15.30 -2.99 -5.45
N SER B 471 -15.17 -4.13 -6.13
CA SER B 471 -15.55 -4.21 -7.54
C SER B 471 -17.05 -4.15 -7.71
N ALA B 472 -17.78 -4.92 -6.90
CA ALA B 472 -19.23 -4.91 -7.04
C ALA B 472 -19.76 -3.50 -6.83
N PHE B 473 -19.15 -2.75 -5.94
CA PHE B 473 -19.55 -1.36 -5.74
C PHE B 473 -19.51 -0.60 -7.05
N PHE B 474 -18.39 -0.67 -7.77
CA PHE B 474 -18.24 0.18 -8.95
C PHE B 474 -19.22 -0.20 -10.05
N THR B 475 -19.38 -1.50 -10.28
CA THR B 475 -20.27 -1.94 -11.35
C THR B 475 -21.73 -1.71 -11.00
N GLY B 476 -22.10 -1.93 -9.74
CA GLY B 476 -23.48 -1.74 -9.35
C GLY B 476 -23.91 -0.30 -9.42
N ILE B 477 -23.10 0.62 -8.89
CA ILE B 477 -23.49 2.01 -8.86
C ILE B 477 -23.45 2.59 -10.26
N TYR B 478 -22.42 2.24 -11.04
CA TYR B 478 -22.33 2.68 -12.42
C TYR B 478 -23.58 2.31 -13.21
N GLY B 479 -23.99 1.05 -13.11
CA GLY B 479 -25.20 0.60 -13.76
C GLY B 479 -26.44 1.27 -13.23
N MET B 480 -26.48 1.44 -11.90
CA MET B 480 -27.67 2.03 -11.23
C MET B 480 -28.04 3.39 -11.81
N TRP B 481 -27.11 4.35 -11.84
CA TRP B 481 -27.46 5.72 -12.31
C TRP B 481 -27.89 5.70 -13.78
N ASN B 482 -27.20 4.92 -14.61
CA ASN B 482 -27.58 4.81 -16.04
C ASN B 482 -29.00 4.25 -16.14
N LEU B 483 -29.32 3.23 -15.34
CA LEU B 483 -30.67 2.61 -15.36
C LEU B 483 -31.70 3.64 -14.89
N TYR B 484 -31.35 4.45 -13.90
CA TYR B 484 -32.26 5.51 -13.38
C TYR B 484 -32.54 6.51 -14.49
N VAL B 485 -31.51 6.91 -15.24
CA VAL B 485 -31.72 7.86 -16.39
C VAL B 485 -32.60 7.18 -17.45
N PHE B 486 -32.41 5.87 -17.68
CA PHE B 486 -33.25 5.13 -18.65
C PHE B 486 -34.71 5.21 -18.21
N ALA B 487 -34.96 5.00 -16.91
CA ALA B 487 -36.34 5.04 -16.39
C ALA B 487 -36.88 6.46 -16.56
N LEU B 488 -36.04 7.45 -16.29
CA LEU B 488 -36.45 8.87 -16.38
C LEU B 488 -36.90 9.18 -17.80
N MET B 489 -36.13 8.77 -18.82
CA MET B 489 -36.57 9.16 -20.16
C MET B 489 -37.84 8.43 -20.56
N PHE B 490 -37.93 7.13 -20.28
CA PHE B 490 -39.13 6.40 -20.69
C PHE B 490 -40.37 6.91 -19.96
N LEU B 491 -40.30 7.05 -18.64
CA LEU B 491 -41.51 7.32 -17.89
C LEU B 491 -41.95 8.77 -18.02
N TYR B 492 -41.04 9.69 -18.30
CA TYR B 492 -41.40 11.10 -18.29
C TYR B 492 -41.48 11.72 -19.68
N ALA B 493 -41.55 10.93 -20.70
CA ALA B 493 -41.77 11.36 -22.06
C ALA B 493 -43.26 11.65 -22.27
N PRO B 494 -43.61 12.52 -23.21
CA PRO B 494 -45.02 12.80 -23.46
C PRO B 494 -45.85 11.57 -23.79
N SER B 495 -47.04 11.52 -23.21
CA SER B 495 -47.98 10.43 -23.45
C SER B 495 -48.66 10.65 -24.79
N HIS B 496 -48.71 9.72 -25.66
CA HIS B 496 -49.42 9.84 -26.96
C HIS B 496 -50.89 9.69 -26.78
N LYS B 497 -51.56 10.60 -27.35
CA LYS B 497 -53.01 10.59 -27.31
C LYS B 497 -53.57 10.74 -28.72
N ASN B 498 -54.74 10.18 -28.94
CA ASN B 498 -55.41 10.29 -30.22
C ASN B 498 -56.78 10.93 -30.00
C1 NAG C . 31.47 -11.66 24.22
C2 NAG C . 31.87 -10.21 24.18
C3 NAG C . 33.34 -10.28 23.87
C4 NAG C . 34.04 -11.01 25.02
C5 NAG C . 33.24 -12.22 25.52
C6 NAG C . 33.67 -12.77 26.88
C7 NAG C . 29.99 -8.80 23.79
C8 NAG C . 28.63 -9.23 23.38
N2 NAG C . 31.00 -9.49 23.28
O3 NAG C . 33.88 -8.97 23.69
O4 NAG C . 35.23 -11.52 24.43
O5 NAG C . 31.84 -11.94 25.55
O6 NAG C . 33.45 -14.19 27.00
O7 NAG C . 30.16 -7.88 24.57
C1 NAG C . 36.44 -11.21 25.18
C2 NAG C . 37.48 -12.34 25.13
C3 NAG C . 38.57 -12.05 26.14
C4 NAG C . 39.13 -10.65 25.93
C5 NAG C . 38.00 -9.63 25.90
C6 NAG C . 38.52 -8.21 25.66
C7 NAG C . 36.46 -14.45 24.45
C8 NAG C . 35.93 -15.77 24.92
N2 NAG C . 36.88 -13.63 25.41
O3 NAG C . 39.63 -13.01 25.99
O4 NAG C . 40.04 -10.32 27.00
O5 NAG C . 37.07 -9.97 24.88
O6 NAG C . 37.44 -7.28 25.80
O7 NAG C . 36.48 -14.15 23.28
C1 PAM D . -12.24 16.91 -10.61
O1 PAM D . -11.50 17.90 -10.74
C2 PAM D . -13.35 16.72 -11.63
C3 PAM D . -13.33 17.69 -12.77
C4 PAM D . -14.22 18.90 -12.53
C5 PAM D . -15.35 19.04 -13.51
C6 PAM D . -14.97 19.73 -14.81
C7 PAM D . -15.83 19.35 -16.00
C8 PAM D . -16.61 20.49 -16.59
C9 PAM D . -15.91 21.14 -17.75
C10 PAM D . -16.00 22.41 -18.06
C11 PAM D . -16.43 23.52 -17.16
C12 PAM D . -16.21 24.90 -17.74
C13 PAM D . -17.19 25.99 -17.27
C14 PAM D . -18.57 25.51 -16.87
C15 PAM D . -18.64 24.74 -15.57
C16 PAM D . -19.77 23.75 -15.52
C1 PCW E . -13.26 -12.20 -21.40
C2 PCW E . -13.43 -10.75 -20.93
C3 PCW E . -12.53 -9.81 -21.74
C11 PCW E . -12.71 -8.54 -23.92
C12 PCW E . -13.78 -7.49 -24.05
C13 PCW E . -15.06 -8.23 -24.38
C14 PCW E . -16.32 -7.37 -24.56
C15 PCW E . -17.52 -8.32 -24.63
C16 PCW E . -18.84 -7.57 -24.76
C17 PCW E . -20.04 -8.49 -24.73
C18 PCW E . -21.28 -7.74 -25.22
C19 PCW E . -20.96 -7.20 -26.59
C20 PCW E . -21.87 -6.82 -27.49
C21 PCW E . -23.36 -6.90 -27.25
C22 PCW E . -23.99 -5.62 -27.77
C23 PCW E . -25.50 -5.70 -27.80
C24 PCW E . -26.06 -6.08 -26.42
C25 PCW E . -26.99 -4.99 -25.87
C26 PCW E . -28.23 -4.84 -26.73
C27 PCW E . -29.16 -3.77 -26.16
C28 PCW E . -30.43 -3.69 -26.98
C31 PCW E . -15.60 -10.52 -19.90
C32 PCW E . -17.04 -10.07 -19.89
C33 PCW E . -17.81 -10.75 -18.79
C34 PCW E . -19.28 -10.35 -18.81
C35 PCW E . -19.41 -8.88 -18.42
C36 PCW E . -20.48 -8.18 -19.23
C37 PCW E . -21.86 -8.34 -18.62
C38 PCW E . -22.81 -7.36 -19.27
C39 PCW E . -24.01 -7.16 -18.39
C40 PCW E . -24.37 -5.92 -18.06
C41 PCW E . -25.57 -5.68 -17.18
C42 PCW E . -25.88 -4.19 -17.14
C43 PCW E . -27.05 -3.92 -16.21
C44 PCW E . -27.35 -2.43 -16.05
O2 PCW E . -14.79 -10.33 -21.08
O3 PCW E . -12.94 -9.73 -23.11
O11 PCW E . -11.66 -8.43 -24.51
O31 PCW E . -15.14 -11.06 -18.92
O1P PCW E . -10.06 -14.09 -20.29
O2P PCW E . -10.99 -13.45 -22.63
O3P PCW E . -12.30 -12.90 -20.58
O4P PCW E . -12.01 -15.33 -21.26
P PCW E . -11.23 -13.91 -21.23
C1 CLR F . -8.26 -0.44 -30.88
C2 CLR F . -6.86 -0.93 -31.27
C3 CLR F . -6.69 -2.40 -30.90
C4 CLR F . -7.75 -3.23 -31.62
C5 CLR F . -9.16 -2.70 -31.35
C6 CLR F . -10.11 -3.57 -30.97
C7 CLR F . -11.54 -3.20 -30.66
C8 CLR F . -11.90 -1.80 -31.16
C9 CLR F . -10.78 -0.79 -30.92
C10 CLR F . -9.42 -1.21 -31.54
C11 CLR F . -11.25 0.62 -31.35
C12 CLR F . -12.55 1.05 -30.65
C13 CLR F . -13.68 0.07 -30.88
C14 CLR F . -13.17 -1.31 -30.45
C15 CLR F . -14.40 -2.22 -30.57
C16 CLR F . -15.53 -1.27 -30.07
C17 CLR F . -14.95 0.17 -30.00
C18 CLR F . -14.09 0.13 -32.37
C19 CLR F . -9.41 -0.96 -33.07
C20 CLR F . -16.00 1.28 -30.29
C21 CLR F . -15.45 2.71 -30.12
C22 CLR F . -17.30 1.08 -29.44
C23 CLR F . -18.51 0.55 -30.24
C24 CLR F . -19.61 -0.05 -29.34
C25 CLR F . -20.70 -0.80 -30.14
C26 CLR F . -21.62 -1.59 -29.20
C27 CLR F . -21.52 0.14 -31.05
O1 CLR F . -5.37 -2.89 -31.26
C1 LPE G . -34.94 21.66 -29.59
O1 LPE G . -34.24 20.68 -28.83
C2 LPE G . -35.99 20.98 -30.47
O2H LPE G . -36.72 20.02 -29.70
C3 LPE G . -36.97 22.03 -30.99
C11 LPE G . -32.96 21.14 -28.46
C12 LPE G . -32.33 20.14 -27.50
O3 LPE G . -38.03 21.40 -31.70
P LPE G . -38.63 22.00 -33.06
O31 LPE G . -37.91 23.29 -33.38
O32 LPE G . -38.69 20.90 -34.09
O33 LPE G . -40.13 22.40 -32.68
C31 LPE G . -41.19 21.49 -32.91
C32 LPE G . -42.45 22.29 -33.18
N LPE G . -43.58 21.36 -33.29
C1N LPE G . -43.38 20.46 -34.42
C2N LPE G . -43.68 20.57 -32.07
C3N LPE G . -44.82 22.13 -33.48
C13 LPE G . -30.93 20.63 -27.16
C14 LPE G . -30.32 19.77 -26.08
C15 LPE G . -28.98 20.34 -25.65
C16 LPE G . -28.34 19.38 -24.66
C17 LPE G . -26.98 19.87 -24.21
C18 LPE G . -26.38 18.88 -23.23
C19 LPE G . -25.04 19.35 -22.70
C20 LPE G . -24.34 18.22 -21.97
C1 PCW H . -17.74 6.43 -14.08
C2 PCW H . -19.03 5.98 -13.44
C3 PCW H . -18.73 4.83 -12.49
C4 PCW H . -13.74 4.82 -14.37
C5 PCW H . -13.21 4.70 -12.95
C6 PCW H . -12.93 2.38 -13.44
C7 PCW H . -12.34 3.18 -11.33
C8 PCW H . -14.63 3.09 -11.90
C11 PCW H . -18.44 5.02 -10.06
C12 PCW H . -17.83 5.75 -8.90
C13 PCW H . -18.83 5.90 -7.78
C14 PCW H . -18.46 7.10 -6.93
C15 PCW H . -19.63 7.44 -6.02
C16 PCW H . -19.40 8.74 -5.28
C17 PCW H . -20.37 8.78 -4.11
C18 PCW H . -20.32 10.12 -3.42
C19 PCW H . -20.91 9.95 -2.05
C20 PCW H . -21.55 10.96 -1.47
C21 PCW H . -21.69 12.28 -2.19
C31 PCW H . -20.68 7.69 -13.36
C32 PCW H . -21.56 8.64 -12.61
C33 PCW H . -22.03 8.02 -11.32
C34 PCW H . -22.96 9.04 -10.70
C35 PCW H . -22.90 9.02 -9.18
C36 PCW H . -23.76 10.15 -8.62
C37 PCW H . -23.92 9.93 -7.14
C38 PCW H . -24.96 10.87 -6.57
C39 PCW H . -25.41 10.29 -5.26
C40 PCW H . -25.66 11.07 -4.22
C41 PCW H . -25.51 12.56 -4.35
C42 PCW H . -26.02 13.20 -3.06
N PCW H . -13.30 3.34 -12.42
O2 PCW H . -19.58 7.04 -12.69
O3 PCW H . -17.98 5.29 -11.40
O11 PCW H . -19.31 4.20 -9.89
O31 PCW H . -20.88 7.50 -14.54
O1P PCW H . -15.70 6.87 -16.32
O2P PCW H . -15.74 4.30 -16.50
O3P PCW H . -17.39 5.49 -15.07
O4P PCW H . -15.03 5.41 -14.36
P PCW H . -15.93 5.54 -15.69
#